data_1BQ3
#
_entry.id   1BQ3
#
_cell.length_a   82.580
_cell.length_b   93.380
_cell.length_c   148.560
_cell.angle_alpha   90.00
_cell.angle_beta   90.13
_cell.angle_gamma   90.00
#
_symmetry.space_group_name_H-M   'P 1 21 1'
#
loop_
_entity.id
_entity.type
_entity.pdbx_description
1 polymer 'PROTEIN (PHOSPHOGLYCERATE MUTASE 1)'
2 non-polymer 'INOSITOL HEXAKISPHOSPHATE'
3 non-polymer 'SULFATE ION'
#
_entity_poly.entity_id   1
_entity_poly.type   'polypeptide(L)'
_entity_poly.pdbx_seq_one_letter_code
;PKLVLVRHGQSEWNEKNLFTGWVDVKLSAKGQQEAARAGELLKEKKVYPDVLYTSKLSRAIQTANIALEKADRLWIPVNR
SWRLNERHYGDLQGKDKAETLKKFGEEKFNTYRRSFDVPPPPIDASSPFSQKGDERYKYVDPNVLPETESLALVIDRLLP
YWQDVIAKDLLSGKTVMIAAHGNSLRGLVKHLEGISDADIAKLNIPTGIPLVFELDENLKPSKPSYYLDPEAAAAGAAAV
ANQGKK
;
_entity_poly.pdbx_strand_id   D,C,A,B
#
# COMPACT_ATOMS: atom_id res chain seq x y z
N PRO A 1 -2.22 22.06 -5.83
CA PRO A 1 -2.25 21.36 -4.52
C PRO A 1 -3.10 22.16 -3.54
N LYS A 2 -4.06 21.48 -2.90
CA LYS A 2 -4.96 22.09 -1.92
C LYS A 2 -4.99 21.25 -0.64
N LEU A 3 -4.61 21.87 0.48
CA LEU A 3 -4.58 21.16 1.77
C LEU A 3 -5.59 21.77 2.74
N VAL A 4 -6.39 20.94 3.37
CA VAL A 4 -7.37 21.41 4.34
C VAL A 4 -7.06 20.82 5.69
N LEU A 5 -6.87 21.69 6.68
CA LEU A 5 -6.56 21.28 8.04
C LEU A 5 -7.77 21.48 8.93
N VAL A 6 -8.00 20.52 9.81
CA VAL A 6 -9.12 20.57 10.72
C VAL A 6 -8.69 20.19 12.13
N ARG A 7 -8.93 21.10 13.07
CA ARG A 7 -8.61 20.82 14.46
C ARG A 7 -9.84 20.17 15.09
N HIS A 8 -9.62 19.14 15.91
CA HIS A 8 -10.73 18.45 16.59
C HIS A 8 -11.18 19.32 17.78
N GLY A 9 -12.45 19.22 18.15
CA GLY A 9 -12.97 20.03 19.25
C GLY A 9 -12.88 19.47 20.65
N GLN A 10 -13.73 20.01 21.52
CA GLN A 10 -13.80 19.63 22.93
C GLN A 10 -13.73 18.16 23.24
N SER A 11 -12.81 17.80 24.11
CA SER A 11 -12.67 16.41 24.52
C SER A 11 -13.39 16.24 25.87
N GLU A 12 -13.51 15.00 26.34
CA GLU A 12 -14.17 14.69 27.62
C GLU A 12 -13.44 15.37 28.77
N TRP A 13 -12.23 15.86 28.48
CA TRP A 13 -11.35 16.50 29.46
C TRP A 13 -11.26 18.02 29.49
N ASN A 14 -12.15 18.72 28.79
CA ASN A 14 -12.09 20.19 28.80
C ASN A 14 -12.65 20.71 30.11
N GLU A 15 -13.57 19.96 30.69
CA GLU A 15 -14.20 20.34 31.96
C GLU A 15 -13.42 19.79 33.16
N LYS A 16 -12.40 18.98 32.89
CA LYS A 16 -11.61 18.32 33.93
C LYS A 16 -10.33 19.02 34.40
N ASN A 17 -9.82 19.95 33.59
CA ASN A 17 -8.58 20.69 33.87
C ASN A 17 -7.40 19.70 33.97
N LEU A 18 -7.31 18.78 33.01
CA LEU A 18 -6.24 17.78 33.00
C LEU A 18 -5.38 17.86 31.75
N PHE A 19 -4.10 17.51 31.90
CA PHE A 19 -3.15 17.52 30.79
C PHE A 19 -3.44 16.27 30.00
N THR A 20 -3.90 16.46 28.77
CA THR A 20 -4.26 15.35 27.89
C THR A 20 -3.08 14.74 27.17
N GLY A 21 -2.59 15.43 26.14
CA GLY A 21 -1.44 14.89 25.41
C GLY A 21 -1.78 13.64 24.60
N TRP A 22 -1.05 12.56 24.85
CA TRP A 22 -1.27 11.30 24.13
C TRP A 22 -2.31 10.38 24.72
N VAL A 23 -3.01 10.79 25.77
CA VAL A 23 -4.04 9.92 26.32
C VAL A 23 -5.13 9.89 25.26
N ASP A 24 -5.70 8.72 25.02
CA ASP A 24 -6.72 8.62 23.98
C ASP A 24 -8.13 9.01 24.44
N VAL A 25 -8.27 10.29 24.77
CA VAL A 25 -9.52 10.87 25.24
C VAL A 25 -10.46 11.13 24.06
N LYS A 26 -11.75 10.90 24.27
CA LYS A 26 -12.73 11.08 23.20
C LYS A 26 -13.46 12.41 23.26
N LEU A 27 -14.14 12.72 22.16
CA LEU A 27 -14.91 13.95 22.05
C LEU A 27 -16.03 14.01 23.09
N SER A 28 -16.57 15.20 23.28
CA SER A 28 -17.68 15.37 24.19
C SER A 28 -18.83 15.66 23.24
N ALA A 29 -20.05 15.72 23.75
CA ALA A 29 -21.22 15.99 22.90
C ALA A 29 -20.99 17.21 22.02
N LYS A 30 -20.31 18.23 22.56
CA LYS A 30 -20.01 19.46 21.82
C LYS A 30 -18.90 19.19 20.80
N GLY A 31 -17.88 18.44 21.22
CA GLY A 31 -16.81 18.12 20.30
C GLY A 31 -17.40 17.53 19.03
N GLN A 32 -18.49 16.78 19.16
CA GLN A 32 -19.17 16.15 18.02
C GLN A 32 -20.01 17.13 17.20
N GLN A 33 -20.52 18.18 17.83
CA GLN A 33 -21.30 19.17 17.10
C GLN A 33 -20.35 20.05 16.29
N GLU A 34 -19.15 20.27 16.82
CA GLU A 34 -18.15 21.09 16.13
C GLU A 34 -17.61 20.35 14.91
N ALA A 35 -17.56 19.02 15.00
CA ALA A 35 -17.09 18.17 13.91
C ALA A 35 -18.13 18.13 12.78
N ALA A 36 -19.41 18.28 13.14
CA ALA A 36 -20.50 18.30 12.17
C ALA A 36 -20.50 19.64 11.46
N ARG A 37 -20.24 20.70 12.20
CA ARG A 37 -20.20 22.05 11.63
C ARG A 37 -19.06 22.14 10.61
N ALA A 38 -17.94 21.50 10.92
CA ALA A 38 -16.78 21.48 10.05
C ALA A 38 -17.19 20.73 8.76
N GLY A 39 -17.89 19.62 8.93
CA GLY A 39 -18.37 18.85 7.79
C GLY A 39 -19.30 19.67 6.90
N GLU A 40 -20.30 20.30 7.51
CA GLU A 40 -21.27 21.14 6.81
C GLU A 40 -20.52 22.30 6.16
N LEU A 41 -19.48 22.81 6.82
CA LEU A 41 -18.67 23.89 6.27
C LEU A 41 -17.93 23.44 4.99
N LEU A 42 -17.40 22.22 5.00
CA LEU A 42 -16.70 21.69 3.84
C LEU A 42 -17.67 21.65 2.65
N LYS A 43 -18.81 20.96 2.82
CA LYS A 43 -19.84 20.80 1.77
C LYS A 43 -20.39 22.11 1.23
N GLU A 44 -20.63 23.04 2.15
CA GLU A 44 -21.17 24.36 1.83
C GLU A 44 -20.19 25.22 1.04
N LYS A 45 -18.95 25.30 1.52
CA LYS A 45 -17.92 26.11 0.86
C LYS A 45 -17.24 25.43 -0.34
N LYS A 46 -17.82 24.32 -0.78
CA LYS A 46 -17.33 23.55 -1.93
C LYS A 46 -15.86 23.12 -1.96
N VAL A 47 -15.37 22.52 -0.88
CA VAL A 47 -13.99 22.02 -0.83
C VAL A 47 -14.06 20.49 -0.71
N TYR A 48 -13.76 19.81 -1.82
CA TYR A 48 -13.85 18.36 -1.86
C TYR A 48 -12.59 17.52 -1.66
N PRO A 49 -12.33 17.06 -0.42
CA PRO A 49 -11.18 16.23 -0.06
C PRO A 49 -11.15 14.92 -0.85
N ASP A 50 -10.03 14.66 -1.52
CA ASP A 50 -9.85 13.44 -2.31
C ASP A 50 -9.31 12.28 -1.46
N VAL A 51 -8.66 12.63 -0.34
CA VAL A 51 -8.04 11.62 0.53
C VAL A 51 -7.89 12.19 1.94
N LEU A 52 -7.83 11.32 2.95
CA LEU A 52 -7.72 11.73 4.35
C LEU A 52 -6.52 11.21 5.16
N TYR A 53 -5.97 12.07 5.99
CA TYR A 53 -4.87 11.72 6.90
C TYR A 53 -5.31 12.14 8.30
N THR A 54 -5.07 11.27 9.28
CA THR A 54 -5.43 11.56 10.67
C THR A 54 -4.37 11.01 11.63
N SER A 55 -4.44 11.42 12.88
CA SER A 55 -3.52 10.94 13.90
C SER A 55 -4.03 9.57 14.32
N LYS A 56 -3.50 9.04 15.42
CA LYS A 56 -3.96 7.77 15.96
C LYS A 56 -4.69 7.96 17.29
N LEU A 57 -5.15 9.19 17.50
CA LEU A 57 -5.91 9.55 18.70
C LEU A 57 -7.38 9.67 18.26
N SER A 58 -8.23 8.91 18.93
CA SER A 58 -9.67 8.84 18.65
C SER A 58 -10.40 10.15 18.42
N ARG A 59 -10.11 11.17 19.24
CA ARG A 59 -10.77 12.47 19.13
C ARG A 59 -10.69 13.12 17.75
N ALA A 60 -9.60 12.89 17.02
CA ALA A 60 -9.41 13.45 15.67
C ALA A 60 -10.07 12.55 14.62
N ILE A 61 -10.03 11.25 14.88
CA ILE A 61 -10.63 10.28 13.98
C ILE A 61 -12.15 10.49 13.96
N GLN A 62 -12.76 10.62 15.14
CA GLN A 62 -14.21 10.88 15.26
C GLN A 62 -14.51 12.14 14.46
N THR A 63 -13.76 13.20 14.75
CA THR A 63 -13.92 14.45 14.06
C THR A 63 -13.99 14.19 12.57
N ALA A 64 -13.00 13.46 12.06
CA ALA A 64 -12.94 13.15 10.63
C ALA A 64 -14.17 12.43 10.10
N ASN A 65 -14.59 11.37 10.80
CA ASN A 65 -15.78 10.60 10.43
C ASN A 65 -17.05 11.45 10.38
N ILE A 66 -17.33 12.17 11.46
CA ILE A 66 -18.50 13.05 11.54
C ILE A 66 -18.41 14.12 10.44
N ALA A 67 -17.23 14.72 10.31
CA ALA A 67 -17.00 15.77 9.32
C ALA A 67 -17.25 15.31 7.89
N LEU A 68 -16.72 14.15 7.55
CA LEU A 68 -16.88 13.60 6.21
C LEU A 68 -18.34 13.17 5.96
N GLU A 69 -19.00 12.70 7.00
CA GLU A 69 -20.40 12.25 6.90
C GLU A 69 -21.25 13.42 6.39
N LYS A 70 -21.07 14.58 7.02
CA LYS A 70 -21.79 15.79 6.64
C LYS A 70 -21.35 16.31 5.26
N ALA A 71 -20.09 16.11 4.94
CA ALA A 71 -19.53 16.54 3.67
C ALA A 71 -19.88 15.60 2.51
N ASP A 72 -20.28 14.36 2.86
CA ASP A 72 -20.69 13.31 1.91
C ASP A 72 -19.57 12.57 1.21
N ARG A 73 -18.37 12.71 1.73
CA ARG A 73 -17.21 12.05 1.17
C ARG A 73 -16.67 11.04 2.15
N LEU A 74 -17.59 10.35 2.83
CA LEU A 74 -17.23 9.35 3.82
C LEU A 74 -16.37 8.24 3.21
N TRP A 75 -16.61 7.98 1.92
CA TRP A 75 -15.94 6.94 1.13
C TRP A 75 -14.45 7.09 0.85
N ILE A 76 -13.96 8.33 0.78
CA ILE A 76 -12.56 8.60 0.46
C ILE A 76 -11.55 7.77 1.24
N PRO A 77 -10.36 7.56 0.64
CA PRO A 77 -9.34 6.76 1.32
C PRO A 77 -8.78 7.46 2.55
N VAL A 78 -8.58 6.68 3.61
CA VAL A 78 -8.07 7.23 4.86
C VAL A 78 -6.75 6.61 5.31
N ASN A 79 -5.82 7.48 5.73
CA ASN A 79 -4.50 7.08 6.21
C ASN A 79 -4.27 7.62 7.61
N ARG A 80 -3.61 6.85 8.46
CA ARG A 80 -3.33 7.25 9.84
C ARG A 80 -1.85 7.11 10.19
N SER A 81 -1.38 7.95 11.14
CA SER A 81 0.02 7.96 11.55
C SER A 81 0.27 8.60 12.92
N TRP A 82 1.17 8.01 13.72
CA TRP A 82 1.50 8.58 15.04
C TRP A 82 2.13 9.97 14.90
N ARG A 83 2.75 10.22 13.76
CA ARG A 83 3.41 11.49 13.48
C ARG A 83 2.47 12.71 13.36
N LEU A 84 1.17 12.45 13.42
CA LEU A 84 0.17 13.51 13.36
C LEU A 84 -0.43 13.72 14.76
N ASN A 85 -0.02 12.86 15.69
CA ASN A 85 -0.46 12.87 17.07
C ASN A 85 -0.16 14.19 17.75
N GLU A 86 -0.88 14.42 18.84
CA GLU A 86 -0.71 15.61 19.63
C GLU A 86 0.67 15.58 20.29
N ARG A 87 1.06 16.70 20.86
CA ARG A 87 2.31 16.80 21.58
C ARG A 87 2.10 15.93 22.83
N HIS A 88 3.12 15.16 23.20
CA HIS A 88 3.07 14.28 24.38
C HIS A 88 3.42 15.19 25.57
N TYR A 89 2.68 15.05 26.68
CA TYR A 89 2.91 15.89 27.87
C TYR A 89 3.79 15.30 28.95
N GLY A 90 4.26 14.09 28.74
CA GLY A 90 5.12 13.47 29.72
C GLY A 90 4.45 13.20 31.04
N ASP A 91 5.22 13.34 32.12
CA ASP A 91 4.70 13.07 33.46
C ASP A 91 3.42 13.83 33.75
N LEU A 92 3.27 15.00 33.12
CA LEU A 92 2.09 15.85 33.29
C LEU A 92 0.78 15.19 32.84
N GLN A 93 0.86 14.23 31.93
CA GLN A 93 -0.32 13.55 31.41
C GLN A 93 -1.19 12.91 32.50
N GLY A 94 -2.43 13.37 32.57
CA GLY A 94 -3.37 12.84 33.55
C GLY A 94 -3.29 13.60 34.86
N LYS A 95 -2.61 14.74 34.84
CA LYS A 95 -2.44 15.54 36.03
C LYS A 95 -3.19 16.87 35.96
N ASP A 96 -3.71 17.28 37.12
CA ASP A 96 -4.49 18.52 37.26
C ASP A 96 -3.62 19.74 36.98
N LYS A 97 -4.05 20.55 36.02
CA LYS A 97 -3.31 21.73 35.62
C LYS A 97 -3.06 22.74 36.74
N ALA A 98 -3.99 22.81 37.70
CA ALA A 98 -3.88 23.73 38.82
C ALA A 98 -2.89 23.23 39.87
N GLU A 99 -2.92 21.92 40.15
CA GLU A 99 -2.00 21.32 41.12
C GLU A 99 -0.59 21.32 40.56
N THR A 100 -0.50 21.31 39.23
CA THR A 100 0.79 21.34 38.54
C THR A 100 1.40 22.73 38.76
N LEU A 101 0.60 23.78 38.58
CA LEU A 101 1.07 25.17 38.78
C LEU A 101 1.53 25.45 40.22
N LYS A 102 1.10 24.63 41.17
CA LYS A 102 1.50 24.78 42.57
C LYS A 102 2.83 24.07 42.82
N LYS A 103 3.07 23.00 42.07
CA LYS A 103 4.29 22.20 42.18
C LYS A 103 5.49 22.86 41.48
N PHE A 104 5.25 23.57 40.40
CA PHE A 104 6.31 24.22 39.63
C PHE A 104 6.37 25.74 39.69
N GLY A 105 5.22 26.38 39.69
CA GLY A 105 5.16 27.83 39.73
C GLY A 105 4.94 28.42 38.35
N GLU A 106 4.50 29.67 38.28
CA GLU A 106 4.20 30.36 37.03
C GLU A 106 5.19 30.21 35.86
N GLU A 107 6.42 30.70 36.06
CA GLU A 107 7.46 30.65 35.04
C GLU A 107 7.70 29.25 34.44
N LYS A 108 7.92 28.26 35.31
CA LYS A 108 8.15 26.88 34.88
C LYS A 108 6.89 26.24 34.27
N PHE A 109 5.72 26.73 34.68
CA PHE A 109 4.44 26.24 34.16
C PHE A 109 4.21 26.76 32.75
N ASN A 110 4.47 28.04 32.55
CA ASN A 110 4.32 28.63 31.23
C ASN A 110 5.36 28.03 30.29
N THR A 111 6.56 27.77 30.81
CA THR A 111 7.64 27.19 30.03
C THR A 111 7.22 25.84 29.47
N TYR A 112 6.64 25.00 30.33
CA TYR A 112 6.15 23.68 29.92
C TYR A 112 4.93 23.81 28.98
N ARG A 113 4.23 24.93 29.06
CA ARG A 113 3.04 25.15 28.22
C ARG A 113 3.26 25.89 26.90
N ARG A 114 3.89 27.08 26.99
CA ARG A 114 4.10 27.94 25.83
C ARG A 114 5.46 28.01 25.12
N SER A 115 6.51 27.41 25.68
CA SER A 115 7.83 27.50 25.02
C SER A 115 7.90 26.69 23.74
N PHE A 116 8.94 26.90 22.95
CA PHE A 116 9.11 26.17 21.71
C PHE A 116 9.92 24.89 21.87
N ASP A 117 10.89 24.87 22.81
CA ASP A 117 11.73 23.69 23.00
C ASP A 117 12.02 23.11 24.38
N VAL A 118 11.33 23.57 25.42
CA VAL A 118 11.57 23.00 26.76
C VAL A 118 10.48 21.98 27.12
N PRO A 119 10.73 20.70 26.84
CA PRO A 119 9.73 19.68 27.15
C PRO A 119 9.58 19.31 28.62
N PRO A 120 8.39 18.81 28.99
CA PRO A 120 8.00 18.38 30.35
C PRO A 120 8.80 17.15 30.80
N PRO A 121 8.89 16.91 32.12
CA PRO A 121 9.64 15.75 32.60
C PRO A 121 9.16 14.45 31.94
N PRO A 122 10.10 13.55 31.59
CA PRO A 122 9.74 12.28 30.94
C PRO A 122 8.79 11.48 31.82
N ILE A 123 7.69 11.01 31.22
CA ILE A 123 6.71 10.22 31.95
C ILE A 123 7.28 8.84 32.23
N ASP A 124 7.11 8.41 33.48
CA ASP A 124 7.53 7.09 33.91
C ASP A 124 6.81 6.07 33.02
N ALA A 125 7.51 5.00 32.67
CA ALA A 125 6.96 3.96 31.80
C ALA A 125 5.84 3.14 32.44
N SER A 126 5.82 3.09 33.77
CA SER A 126 4.81 2.34 34.55
C SER A 126 3.63 3.20 35.02
N SER A 127 3.47 4.37 34.41
CA SER A 127 2.38 5.27 34.74
C SER A 127 1.18 4.81 33.91
N PRO A 128 -0.02 4.83 34.51
CA PRO A 128 -1.25 4.43 33.83
C PRO A 128 -1.64 5.44 32.73
N PHE A 129 -0.86 6.51 32.62
CA PHE A 129 -1.10 7.55 31.62
C PHE A 129 0.03 7.59 30.60
N SER A 130 0.76 6.49 30.53
CA SER A 130 1.88 6.30 29.61
C SER A 130 1.38 5.46 28.43
N GLN A 131 1.62 5.95 27.22
CA GLN A 131 1.20 5.26 26.00
C GLN A 131 2.13 4.14 25.55
N LYS A 132 3.16 3.87 26.36
CA LYS A 132 4.13 2.80 26.06
C LYS A 132 3.44 1.46 25.94
N GLY A 133 3.63 0.82 24.79
CA GLY A 133 3.02 -0.48 24.56
C GLY A 133 1.56 -0.49 24.09
N ASP A 134 0.95 0.69 23.91
CA ASP A 134 -0.44 0.73 23.44
C ASP A 134 -0.42 0.05 22.08
N GLU A 135 -1.42 -0.76 21.83
CA GLU A 135 -1.51 -1.51 20.59
C GLU A 135 -1.44 -0.72 19.31
N ARG A 136 -1.98 0.49 19.33
CA ARG A 136 -1.98 1.28 18.10
C ARG A 136 -0.60 1.67 17.59
N TYR A 137 0.43 1.44 18.42
CA TYR A 137 1.82 1.77 18.05
C TYR A 137 2.79 0.58 18.09
N LYS A 138 2.29 -0.66 18.05
CA LYS A 138 3.16 -1.84 18.14
C LYS A 138 4.08 -2.14 16.95
N TYR A 139 3.80 -1.53 15.80
CA TYR A 139 4.59 -1.72 14.58
C TYR A 139 5.49 -0.52 14.28
N VAL A 140 5.88 0.19 15.34
CA VAL A 140 6.75 1.35 15.24
C VAL A 140 7.97 1.10 16.12
N ASP A 141 9.14 1.54 15.65
CA ASP A 141 10.38 1.41 16.41
C ASP A 141 10.12 1.94 17.82
N PRO A 142 10.14 1.05 18.82
CA PRO A 142 9.90 1.40 20.23
C PRO A 142 10.75 2.57 20.71
N ASN A 143 11.97 2.64 20.19
CA ASN A 143 12.94 3.67 20.51
C ASN A 143 12.45 5.08 20.16
N VAL A 144 11.91 5.27 18.97
CA VAL A 144 11.46 6.61 18.58
C VAL A 144 10.21 7.16 19.28
N LEU A 145 9.36 6.28 19.80
CA LEU A 145 8.14 6.69 20.50
C LEU A 145 8.47 7.52 21.76
N PRO A 146 8.02 8.79 21.78
CA PRO A 146 8.22 9.77 22.84
C PRO A 146 7.68 9.47 24.24
N GLU A 147 8.40 9.95 25.25
CA GLU A 147 7.99 9.85 26.65
C GLU A 147 7.76 11.29 27.16
N THR A 148 7.76 12.23 26.20
CA THR A 148 7.52 13.66 26.40
C THR A 148 7.97 14.41 25.15
N GLU A 149 7.36 15.55 24.85
CA GLU A 149 7.71 16.34 23.65
C GLU A 149 7.53 17.85 23.84
N SER A 150 7.91 18.58 22.80
CA SER A 150 7.78 20.04 22.74
C SER A 150 7.29 20.31 21.32
N LEU A 151 6.89 21.54 21.01
CA LEU A 151 6.45 21.82 19.66
C LEU A 151 7.61 21.57 18.69
N ALA A 152 8.84 21.92 19.11
CA ALA A 152 10.05 21.75 18.31
C ALA A 152 10.27 20.29 17.93
N LEU A 153 10.05 19.41 18.90
CA LEU A 153 10.18 17.96 18.72
C LEU A 153 9.05 17.41 17.89
N VAL A 154 7.84 17.96 18.06
CA VAL A 154 6.70 17.50 17.28
C VAL A 154 7.03 17.72 15.81
N ILE A 155 7.41 18.94 15.46
CA ILE A 155 7.77 19.30 14.09
C ILE A 155 8.86 18.40 13.50
N ASP A 156 9.81 17.97 14.32
CA ASP A 156 10.87 17.09 13.82
C ASP A 156 10.36 15.72 13.40
N ARG A 157 9.48 15.11 14.18
CA ARG A 157 8.94 13.79 13.80
C ARG A 157 7.78 13.85 12.81
N LEU A 158 7.11 15.00 12.74
CA LEU A 158 5.98 15.18 11.83
C LEU A 158 6.46 15.32 10.40
N LEU A 159 7.46 16.18 10.19
CA LEU A 159 8.01 16.43 8.87
C LEU A 159 8.25 15.24 7.93
N PRO A 160 9.00 14.20 8.37
CA PRO A 160 9.25 13.05 7.50
C PRO A 160 8.00 12.49 6.82
N TYR A 161 6.90 12.37 7.57
CA TYR A 161 5.61 11.87 7.06
C TYR A 161 5.00 12.80 6.00
N TRP A 162 5.09 14.09 6.25
CA TRP A 162 4.59 15.12 5.34
C TRP A 162 5.36 15.11 4.04
N GLN A 163 6.68 15.05 4.16
CA GLN A 163 7.61 15.05 3.04
C GLN A 163 7.45 13.90 2.06
N ASP A 164 7.40 12.67 2.59
CA ASP A 164 7.27 11.47 1.76
C ASP A 164 5.84 11.07 1.43
N VAL A 165 5.04 10.88 2.48
CA VAL A 165 3.66 10.46 2.34
C VAL A 165 2.69 11.57 1.91
N ILE A 166 2.40 12.51 2.81
CA ILE A 166 1.44 13.56 2.48
C ILE A 166 1.74 14.34 1.20
N ALA A 167 2.98 14.78 1.01
CA ALA A 167 3.35 15.51 -0.20
C ALA A 167 3.19 14.65 -1.48
N LYS A 168 3.24 13.33 -1.32
CA LYS A 168 3.09 12.46 -2.47
C LYS A 168 1.71 12.71 -3.08
N ASP A 169 0.67 12.65 -2.25
CA ASP A 169 -0.71 12.85 -2.68
C ASP A 169 -0.94 14.27 -3.17
N LEU A 170 -0.29 15.21 -2.49
CA LEU A 170 -0.38 16.64 -2.80
C LEU A 170 0.21 16.91 -4.18
N LEU A 171 1.41 16.36 -4.41
CA LEU A 171 2.11 16.49 -5.68
C LEU A 171 1.45 15.64 -6.80
N SER A 172 0.46 14.83 -6.43
CA SER A 172 -0.28 14.02 -7.38
C SER A 172 -1.57 14.74 -7.83
N GLY A 173 -1.78 15.95 -7.33
CA GLY A 173 -2.96 16.72 -7.70
C GLY A 173 -4.22 16.44 -6.90
N LYS A 174 -4.08 15.65 -5.82
CA LYS A 174 -5.21 15.31 -4.95
C LYS A 174 -5.42 16.40 -3.91
N THR A 175 -6.65 16.54 -3.42
CA THR A 175 -6.95 17.54 -2.38
C THR A 175 -6.86 16.75 -1.09
N VAL A 176 -5.91 17.15 -0.24
CA VAL A 176 -5.65 16.45 1.03
C VAL A 176 -6.27 17.05 2.28
N MET A 177 -6.73 16.20 3.19
CA MET A 177 -7.34 16.66 4.44
C MET A 177 -6.65 16.05 5.64
N ILE A 178 -6.23 16.90 6.57
CA ILE A 178 -5.62 16.38 7.78
C ILE A 178 -6.47 16.80 8.97
N ALA A 179 -6.88 15.81 9.74
CA ALA A 179 -7.67 16.03 10.93
C ALA A 179 -6.68 15.65 12.00
N ALA A 180 -5.99 16.65 12.55
CA ALA A 180 -5.01 16.40 13.59
C ALA A 180 -5.32 17.16 14.87
N HIS A 181 -4.27 17.65 15.52
CA HIS A 181 -4.38 18.36 16.78
C HIS A 181 -3.81 19.78 16.74
N GLY A 182 -3.90 20.48 17.88
CA GLY A 182 -3.41 21.85 17.99
C GLY A 182 -1.92 22.05 17.73
N ASN A 183 -1.09 21.19 18.35
CA ASN A 183 0.36 21.27 18.19
C ASN A 183 0.78 20.83 16.79
N SER A 184 0.38 19.62 16.41
CA SER A 184 0.70 19.09 15.09
C SER A 184 0.22 20.02 13.95
N LEU A 185 -0.98 20.58 14.04
CA LEU A 185 -1.46 21.47 12.98
C LEU A 185 -0.69 22.78 12.95
N ARG A 186 -0.41 23.32 14.14
CA ARG A 186 0.33 24.56 14.23
C ARG A 186 1.77 24.29 13.85
N GLY A 187 2.23 23.08 14.14
CA GLY A 187 3.59 22.71 13.81
C GLY A 187 3.77 22.77 12.31
N LEU A 188 2.79 22.27 11.57
CA LEU A 188 2.83 22.27 10.11
C LEU A 188 2.71 23.69 9.57
N VAL A 189 1.93 24.52 10.25
CA VAL A 189 1.73 25.91 9.83
C VAL A 189 3.01 26.75 9.95
N LYS A 190 3.76 26.53 11.03
CA LYS A 190 5.02 27.23 11.30
C LYS A 190 6.02 26.99 10.18
N HIS A 191 5.93 25.79 9.61
CA HIS A 191 6.80 25.33 8.55
C HIS A 191 6.34 25.84 7.18
N LEU A 192 5.03 25.81 6.98
CA LEU A 192 4.45 26.24 5.72
C LEU A 192 4.62 27.71 5.39
N GLU A 193 4.50 28.56 6.41
CA GLU A 193 4.58 30.02 6.22
C GLU A 193 5.89 30.67 6.63
N GLY A 194 6.72 29.96 7.38
CA GLY A 194 8.00 30.53 7.79
C GLY A 194 7.85 31.34 9.06
N ILE A 195 7.16 30.78 10.04
CA ILE A 195 6.94 31.47 11.30
C ILE A 195 8.07 31.17 12.29
N SER A 196 8.62 32.24 12.85
CA SER A 196 9.73 32.17 13.80
C SER A 196 9.47 31.30 15.03
N ASP A 197 10.54 30.77 15.60
CA ASP A 197 10.49 29.92 16.79
C ASP A 197 9.76 30.59 17.97
N ALA A 198 9.77 31.91 18.02
CA ALA A 198 9.14 32.65 19.11
C ALA A 198 7.78 33.27 18.76
N ASP A 199 7.48 33.42 17.47
CA ASP A 199 6.20 33.98 17.04
C ASP A 199 5.12 32.92 16.91
N ILE A 200 5.55 31.66 16.90
CA ILE A 200 4.61 30.55 16.76
C ILE A 200 3.64 30.45 17.95
N ALA A 201 4.12 30.73 19.18
CA ALA A 201 3.25 30.67 20.36
C ALA A 201 2.05 31.60 20.19
N LYS A 202 2.20 32.62 19.36
CA LYS A 202 1.15 33.58 19.08
C LYS A 202 0.16 33.11 18.01
N LEU A 203 0.31 31.89 17.51
CA LEU A 203 -0.63 31.37 16.50
C LEU A 203 -1.65 30.48 17.16
N ASN A 204 -2.91 30.73 16.85
CA ASN A 204 -4.00 29.94 17.40
C ASN A 204 -4.84 29.44 16.23
N ILE A 205 -5.06 28.12 16.21
CA ILE A 205 -5.88 27.47 15.20
C ILE A 205 -7.22 27.08 15.86
N PRO A 206 -8.33 27.70 15.40
CA PRO A 206 -9.71 27.52 15.88
C PRO A 206 -10.15 26.07 15.79
N THR A 207 -10.90 25.60 16.79
CA THR A 207 -11.40 24.22 16.77
C THR A 207 -12.63 24.10 15.86
N GLY A 208 -12.63 23.09 15.00
CA GLY A 208 -13.76 22.86 14.12
C GLY A 208 -13.86 23.68 12.85
N ILE A 209 -12.92 24.59 12.61
CA ILE A 209 -12.97 25.38 11.37
C ILE A 209 -11.84 24.95 10.44
N PRO A 210 -12.22 24.41 9.27
CA PRO A 210 -11.28 23.95 8.25
C PRO A 210 -10.49 25.14 7.70
N LEU A 211 -9.15 24.99 7.73
CA LEU A 211 -8.21 26.00 7.26
C LEU A 211 -7.70 25.48 5.92
N VAL A 212 -7.93 26.24 4.86
CA VAL A 212 -7.51 25.84 3.52
C VAL A 212 -6.23 26.54 3.07
N PHE A 213 -5.41 25.80 2.31
CA PHE A 213 -4.15 26.30 1.78
C PHE A 213 -4.03 26.02 0.29
N GLU A 214 -3.71 27.05 -0.49
CA GLU A 214 -3.53 26.86 -1.92
C GLU A 214 -2.01 26.92 -2.09
N LEU A 215 -1.42 25.76 -2.32
CA LEU A 215 0.02 25.60 -2.47
C LEU A 215 0.50 25.52 -3.91
N ASP A 216 1.82 25.63 -4.08
CA ASP A 216 2.45 25.54 -5.40
C ASP A 216 3.36 24.31 -5.49
N GLU A 217 4.02 24.14 -6.64
CA GLU A 217 4.94 23.02 -6.91
C GLU A 217 5.95 22.73 -5.78
N ASN A 218 6.34 23.77 -5.05
CA ASN A 218 7.29 23.65 -3.93
C ASN A 218 6.58 23.51 -2.58
N LEU A 219 5.26 23.31 -2.62
CA LEU A 219 4.42 23.16 -1.42
C LEU A 219 4.42 24.38 -0.47
N LYS A 220 4.71 25.55 -1.04
CA LYS A 220 4.73 26.81 -0.32
C LYS A 220 3.45 27.51 -0.79
N PRO A 221 2.72 28.21 0.12
CA PRO A 221 1.47 28.89 -0.21
C PRO A 221 1.53 29.87 -1.38
N SER A 222 0.62 29.72 -2.33
CA SER A 222 0.56 30.59 -3.50
C SER A 222 -0.14 31.89 -3.09
N LYS A 223 -1.20 31.72 -2.28
CA LYS A 223 -1.96 32.84 -1.76
C LYS A 223 -2.11 32.55 -0.27
N PRO A 224 -2.47 33.56 0.54
CA PRO A 224 -2.62 33.33 1.97
C PRO A 224 -3.79 32.40 2.27
N SER A 225 -3.59 31.56 3.28
CA SER A 225 -4.58 30.59 3.72
C SER A 225 -5.87 31.26 4.13
N TYR A 226 -6.92 30.47 4.22
CA TYR A 226 -8.22 31.00 4.57
C TYR A 226 -9.14 29.99 5.21
N TYR A 227 -9.72 30.37 6.33
CA TYR A 227 -10.67 29.51 7.02
C TYR A 227 -11.98 29.53 6.25
N LEU A 228 -12.77 28.46 6.38
CA LEU A 228 -14.04 28.39 5.68
C LEU A 228 -15.14 29.23 6.38
N ASP A 229 -14.77 29.88 7.48
CA ASP A 229 -15.64 30.77 8.25
C ASP A 229 -14.71 31.85 8.84
N PRO A 230 -14.40 32.88 8.04
CA PRO A 230 -13.53 33.98 8.44
C PRO A 230 -13.92 34.67 9.75
N GLU A 231 -15.20 35.06 9.87
CA GLU A 231 -15.71 35.74 11.07
C GLU A 231 -15.60 34.88 12.32
N ALA A 232 -15.96 33.61 12.19
CA ALA A 232 -15.91 32.66 13.31
C ALA A 232 -14.48 32.37 13.77
N ALA A 233 -13.54 32.40 12.82
CA ALA A 233 -12.14 32.15 13.16
C ALA A 233 -11.59 33.31 13.99
N ALA A 234 -12.35 34.40 14.06
CA ALA A 234 -11.97 35.60 14.81
C ALA A 234 -13.17 36.12 15.63
N PRO B 1 -7.10 -17.66 12.50
CA PRO B 1 -7.76 -16.50 11.86
C PRO B 1 -9.19 -16.36 12.36
N LYS B 2 -9.62 -15.13 12.56
CA LYS B 2 -10.97 -14.85 13.05
C LYS B 2 -11.63 -13.73 12.25
N LEU B 3 -12.69 -14.09 11.51
CA LEU B 3 -13.43 -13.12 10.69
C LEU B 3 -14.71 -12.65 11.40
N VAL B 4 -15.01 -11.36 11.30
CA VAL B 4 -16.21 -10.79 11.94
C VAL B 4 -17.04 -10.00 10.92
N LEU B 5 -18.28 -10.44 10.72
CA LEU B 5 -19.17 -9.80 9.77
C LEU B 5 -20.26 -9.04 10.51
N VAL B 6 -20.53 -7.84 10.02
CA VAL B 6 -21.50 -6.93 10.62
C VAL B 6 -22.41 -6.37 9.54
N ARG B 7 -23.67 -6.78 9.54
CA ARG B 7 -24.61 -6.28 8.54
C ARG B 7 -25.18 -4.94 9.02
N HIS B 8 -25.14 -3.91 8.18
CA HIS B 8 -25.64 -2.60 8.61
C HIS B 8 -27.15 -2.51 8.80
N GLY B 9 -27.58 -1.66 9.75
CA GLY B 9 -28.99 -1.47 10.03
C GLY B 9 -29.70 -0.76 8.90
N GLN B 10 -31.01 -0.52 9.05
CA GLN B 10 -31.78 0.11 7.97
C GLN B 10 -31.35 1.52 7.58
N SER B 11 -31.48 1.81 6.29
CA SER B 11 -31.12 3.12 5.75
C SER B 11 -32.34 4.01 5.84
N GLU B 12 -32.27 5.15 5.18
CA GLU B 12 -33.38 6.09 5.16
C GLU B 12 -34.36 5.64 4.10
N TRP B 13 -33.85 4.93 3.10
CA TRP B 13 -34.69 4.42 2.03
C TRP B 13 -35.44 3.17 2.48
N ASN B 14 -34.76 2.30 3.22
CA ASN B 14 -35.39 1.10 3.75
C ASN B 14 -36.60 1.58 4.57
N GLU B 15 -36.44 2.73 5.23
CA GLU B 15 -37.48 3.38 6.06
C GLU B 15 -38.69 3.78 5.20
N LYS B 16 -38.42 4.32 4.00
CA LYS B 16 -39.44 4.77 3.07
C LYS B 16 -39.90 3.64 2.14
N ASN B 17 -39.46 2.41 2.41
CA ASN B 17 -39.85 1.24 1.59
C ASN B 17 -39.37 1.35 0.14
N LEU B 18 -38.10 1.69 -0.06
CA LEU B 18 -37.55 1.80 -1.42
C LEU B 18 -36.37 0.87 -1.63
N PHE B 19 -36.21 0.41 -2.87
CA PHE B 19 -35.10 -0.47 -3.21
C PHE B 19 -33.88 0.39 -3.30
N THR B 20 -32.87 0.06 -2.50
CA THR B 20 -31.65 0.84 -2.47
C THR B 20 -30.61 0.49 -3.53
N GLY B 21 -29.99 -0.67 -3.39
CA GLY B 21 -28.96 -1.07 -4.32
C GLY B 21 -27.70 -0.26 -4.09
N TRP B 22 -27.11 0.26 -5.16
CA TRP B 22 -25.89 1.03 -5.06
C TRP B 22 -26.08 2.49 -4.71
N VAL B 23 -27.33 2.91 -4.58
CA VAL B 23 -27.61 4.30 -4.25
C VAL B 23 -26.98 4.62 -2.89
N ASP B 24 -26.17 5.67 -2.84
CA ASP B 24 -25.51 6.01 -1.59
C ASP B 24 -26.42 6.70 -0.57
N VAL B 25 -27.31 5.89 0.02
CA VAL B 25 -28.27 6.34 1.01
C VAL B 25 -27.68 6.18 2.41
N LYS B 26 -27.96 7.17 3.26
CA LYS B 26 -27.45 7.19 4.62
C LYS B 26 -28.24 6.33 5.60
N LEU B 27 -27.55 5.90 6.65
CA LEU B 27 -28.14 5.10 7.72
C LEU B 27 -29.26 5.90 8.37
N SER B 28 -30.37 5.24 8.69
CA SER B 28 -31.50 5.90 9.35
C SER B 28 -31.12 6.09 10.80
N ALA B 29 -31.94 6.80 11.57
CA ALA B 29 -31.63 7.02 12.99
C ALA B 29 -31.69 5.73 13.82
N LYS B 30 -32.45 4.75 13.36
CA LYS B 30 -32.54 3.48 14.08
C LYS B 30 -31.29 2.69 13.73
N GLY B 31 -30.87 2.83 12.47
CA GLY B 31 -29.68 2.15 11.98
C GLY B 31 -28.44 2.63 12.71
N GLN B 32 -28.42 3.90 13.12
CA GLN B 32 -27.30 4.46 13.88
C GLN B 32 -27.27 3.79 15.26
N GLN B 33 -28.44 3.58 15.88
CA GLN B 33 -28.51 2.91 17.17
C GLN B 33 -28.12 1.45 17.06
N GLU B 34 -28.51 0.84 15.94
CA GLU B 34 -28.17 -0.55 15.68
C GLU B 34 -26.67 -0.70 15.51
N ALA B 35 -26.04 0.36 15.01
CA ALA B 35 -24.59 0.42 14.79
C ALA B 35 -23.90 0.48 16.13
N ALA B 36 -24.29 1.47 16.93
CA ALA B 36 -23.76 1.68 18.29
C ALA B 36 -23.89 0.37 19.05
N ARG B 37 -25.08 -0.23 18.95
CA ARG B 37 -25.39 -1.50 19.59
C ARG B 37 -24.38 -2.56 19.18
N ALA B 38 -24.00 -2.56 17.89
CA ALA B 38 -23.05 -3.52 17.35
C ALA B 38 -21.66 -3.36 17.95
N GLY B 39 -21.26 -2.11 18.17
CA GLY B 39 -19.95 -1.83 18.75
C GLY B 39 -19.92 -2.29 20.19
N GLU B 40 -20.93 -1.88 20.96
CA GLU B 40 -21.02 -2.25 22.38
C GLU B 40 -21.00 -3.77 22.54
N LEU B 41 -21.30 -4.46 21.43
CA LEU B 41 -21.34 -5.90 21.40
C LEU B 41 -19.97 -6.54 21.09
N LEU B 42 -19.11 -5.82 20.35
CA LEU B 42 -17.77 -6.32 20.04
C LEU B 42 -16.92 -6.21 21.29
N LYS B 43 -17.07 -5.09 22.01
CA LYS B 43 -16.32 -4.83 23.24
C LYS B 43 -16.66 -5.83 24.33
N GLU B 44 -17.96 -6.01 24.58
CA GLU B 44 -18.46 -6.92 25.61
C GLU B 44 -18.00 -8.37 25.46
N LYS B 45 -18.21 -8.97 24.29
CA LYS B 45 -17.83 -10.36 24.04
C LYS B 45 -16.34 -10.60 23.75
N LYS B 46 -15.56 -9.53 23.81
CA LYS B 46 -14.11 -9.53 23.60
C LYS B 46 -13.58 -9.89 22.21
N VAL B 47 -14.23 -9.34 21.19
CA VAL B 47 -13.81 -9.53 19.79
C VAL B 47 -13.10 -8.24 19.40
N TYR B 48 -11.80 -8.33 19.15
CA TYR B 48 -11.02 -7.14 18.83
C TYR B 48 -10.41 -7.14 17.43
N PRO B 49 -11.10 -6.51 16.46
CA PRO B 49 -10.64 -6.43 15.07
C PRO B 49 -9.31 -5.67 14.97
N ASP B 50 -8.36 -6.23 14.22
CA ASP B 50 -7.06 -5.58 14.02
C ASP B 50 -7.06 -4.76 12.73
N VAL B 51 -8.01 -5.08 11.84
CA VAL B 51 -8.15 -4.42 10.54
C VAL B 51 -9.62 -4.38 10.14
N LEU B 52 -9.98 -3.41 9.29
CA LEU B 52 -11.34 -3.25 8.82
C LEU B 52 -11.46 -3.10 7.30
N TYR B 53 -12.48 -3.73 6.72
CA TYR B 53 -12.75 -3.61 5.29
C TYR B 53 -14.20 -3.14 5.14
N THR B 54 -14.45 -2.24 4.19
CA THR B 54 -15.83 -1.80 3.96
C THR B 54 -16.09 -1.66 2.47
N SER B 55 -17.31 -1.25 2.12
CA SER B 55 -17.69 -1.04 0.73
C SER B 55 -17.52 0.47 0.49
N LYS B 56 -17.97 0.97 -0.66
CA LYS B 56 -17.87 2.40 -0.96
C LYS B 56 -19.22 3.05 -0.66
N LEU B 57 -20.08 2.30 0.00
CA LEU B 57 -21.39 2.80 0.32
C LEU B 57 -21.39 3.34 1.75
N SER B 58 -21.72 4.63 1.85
CA SER B 58 -21.76 5.36 3.11
C SER B 58 -22.51 4.68 4.25
N ARG B 59 -23.56 3.93 3.96
CA ARG B 59 -24.31 3.30 5.04
C ARG B 59 -23.51 2.27 5.82
N ALA B 60 -22.61 1.56 5.14
CA ALA B 60 -21.77 0.55 5.82
C ALA B 60 -20.53 1.23 6.43
N ILE B 61 -20.01 2.25 5.75
CA ILE B 61 -18.86 2.97 6.25
C ILE B 61 -19.22 3.56 7.60
N GLN B 62 -20.39 4.18 7.63
CA GLN B 62 -20.94 4.82 8.83
C GLN B 62 -21.18 3.82 9.97
N THR B 63 -21.64 2.62 9.62
CA THR B 63 -21.86 1.56 10.60
C THR B 63 -20.57 1.19 11.32
N ALA B 64 -19.46 1.15 10.57
CA ALA B 64 -18.16 0.79 11.10
C ALA B 64 -17.64 1.90 12.03
N ASN B 65 -17.74 3.13 11.57
CA ASN B 65 -17.28 4.27 12.36
C ASN B 65 -17.92 4.26 13.74
N ILE B 66 -19.25 4.19 13.80
CA ILE B 66 -19.93 4.18 15.09
C ILE B 66 -19.60 2.93 15.89
N ALA B 67 -19.61 1.77 15.25
CA ALA B 67 -19.32 0.51 15.94
C ALA B 67 -17.91 0.50 16.53
N LEU B 68 -16.93 0.91 15.72
CA LEU B 68 -15.55 0.93 16.17
C LEU B 68 -15.35 1.98 17.26
N GLU B 69 -16.21 2.99 17.28
CA GLU B 69 -16.14 4.04 18.30
C GLU B 69 -16.41 3.43 19.67
N LYS B 70 -17.62 2.89 19.85
CA LYS B 70 -18.07 2.24 21.09
C LYS B 70 -17.16 1.07 21.47
N ALA B 71 -16.42 0.56 20.50
CA ALA B 71 -15.51 -0.56 20.71
C ALA B 71 -14.10 -0.13 21.12
N ASP B 72 -13.77 1.14 20.93
CA ASP B 72 -12.45 1.69 21.26
C ASP B 72 -11.32 1.25 20.32
N ARG B 73 -11.68 0.95 19.07
CA ARG B 73 -10.69 0.56 18.07
C ARG B 73 -10.87 1.40 16.82
N LEU B 74 -10.96 2.71 17.03
CA LEU B 74 -11.13 3.67 15.95
C LEU B 74 -9.89 3.84 15.11
N TRP B 75 -8.75 3.51 15.70
CA TRP B 75 -7.45 3.70 15.08
C TRP B 75 -7.00 2.74 14.00
N ILE B 76 -7.54 1.52 14.00
CA ILE B 76 -7.15 0.48 13.04
C ILE B 76 -7.25 0.83 11.57
N PRO B 77 -6.44 0.15 10.73
CA PRO B 77 -6.42 0.37 9.29
C PRO B 77 -7.77 0.09 8.66
N VAL B 78 -8.10 0.88 7.65
CA VAL B 78 -9.37 0.73 6.96
C VAL B 78 -9.17 0.75 5.45
N ASN B 79 -9.71 -0.29 4.82
CA ASN B 79 -9.63 -0.46 3.37
C ASN B 79 -11.07 -0.60 2.88
N ARG B 80 -11.36 -0.01 1.73
CA ARG B 80 -12.71 -0.07 1.19
C ARG B 80 -12.77 -0.41 -0.29
N SER B 81 -13.61 -1.38 -0.66
CA SER B 81 -13.74 -1.79 -2.05
C SER B 81 -15.17 -1.86 -2.56
N TRP B 82 -15.37 -1.53 -3.84
CA TRP B 82 -16.68 -1.60 -4.49
C TRP B 82 -17.13 -3.07 -4.57
N ARG B 83 -16.18 -3.99 -4.52
CA ARG B 83 -16.44 -5.42 -4.58
C ARG B 83 -17.13 -5.93 -3.32
N LEU B 84 -17.10 -5.13 -2.27
CA LEU B 84 -17.75 -5.50 -1.02
C LEU B 84 -19.14 -4.89 -0.98
N ASN B 85 -19.47 -4.06 -1.97
CA ASN B 85 -20.75 -3.37 -2.11
C ASN B 85 -21.99 -4.27 -2.01
N GLU B 86 -23.17 -3.63 -2.05
CA GLU B 86 -24.43 -4.35 -2.03
C GLU B 86 -24.68 -4.72 -3.47
N ARG B 87 -25.67 -5.57 -3.69
CA ARG B 87 -26.05 -5.98 -5.04
C ARG B 87 -26.70 -4.80 -5.74
N HIS B 88 -26.26 -4.50 -6.96
CA HIS B 88 -26.81 -3.39 -7.72
C HIS B 88 -28.21 -3.80 -8.15
N TYR B 89 -29.23 -3.11 -7.63
CA TYR B 89 -30.62 -3.46 -7.94
C TYR B 89 -31.20 -3.08 -9.31
N GLY B 90 -30.33 -2.78 -10.26
CA GLY B 90 -30.79 -2.43 -11.60
C GLY B 90 -31.81 -1.30 -11.74
N ASP B 91 -32.88 -1.60 -12.49
CA ASP B 91 -33.95 -0.64 -12.73
C ASP B 91 -34.80 -0.44 -11.47
N LEU B 92 -34.80 -1.44 -10.60
CA LEU B 92 -35.53 -1.36 -9.34
C LEU B 92 -35.00 -0.32 -8.35
N GLN B 93 -33.87 0.33 -8.67
CA GLN B 93 -33.28 1.34 -7.79
C GLN B 93 -34.09 2.64 -7.77
N GLY B 94 -34.57 3.00 -6.58
CA GLY B 94 -35.37 4.19 -6.41
C GLY B 94 -36.84 3.98 -6.72
N LYS B 95 -37.30 2.74 -6.56
CA LYS B 95 -38.70 2.40 -6.83
C LYS B 95 -39.35 1.84 -5.57
N ASP B 96 -40.59 2.24 -5.33
CA ASP B 96 -41.34 1.78 -4.18
C ASP B 96 -41.42 0.24 -4.26
N LYS B 97 -41.06 -0.43 -3.16
CA LYS B 97 -41.07 -1.90 -3.14
C LYS B 97 -42.47 -2.48 -3.29
N ALA B 98 -43.49 -1.75 -2.85
CA ALA B 98 -44.87 -2.23 -2.96
C ALA B 98 -45.47 -2.01 -4.36
N GLU B 99 -45.06 -0.93 -5.04
CA GLU B 99 -45.53 -0.62 -6.40
C GLU B 99 -44.91 -1.57 -7.42
N THR B 100 -43.82 -2.24 -7.03
CA THR B 100 -43.13 -3.21 -7.87
C THR B 100 -43.83 -4.57 -7.78
N LEU B 101 -44.45 -4.85 -6.63
CA LEU B 101 -45.17 -6.11 -6.44
C LEU B 101 -46.43 -6.08 -7.30
N LYS B 102 -47.11 -4.93 -7.29
CA LYS B 102 -48.32 -4.73 -8.08
C LYS B 102 -47.99 -4.76 -9.56
N LYS B 103 -46.92 -4.05 -9.93
CA LYS B 103 -46.51 -3.97 -11.33
C LYS B 103 -45.98 -5.26 -11.99
N PHE B 104 -45.37 -6.15 -11.21
CA PHE B 104 -44.84 -7.39 -11.78
C PHE B 104 -45.55 -8.67 -11.39
N GLY B 105 -46.13 -8.70 -10.19
CA GLY B 105 -46.81 -9.89 -9.72
C GLY B 105 -45.87 -10.77 -8.91
N GLU B 106 -46.44 -11.58 -8.01
CA GLU B 106 -45.67 -12.45 -7.11
C GLU B 106 -44.44 -13.21 -7.62
N GLU B 107 -44.63 -14.17 -8.53
CA GLU B 107 -43.49 -14.94 -9.03
C GLU B 107 -42.34 -14.09 -9.53
N LYS B 108 -42.63 -13.13 -10.41
CA LYS B 108 -41.60 -12.25 -10.95
C LYS B 108 -40.98 -11.34 -9.88
N PHE B 109 -41.78 -10.94 -8.90
CA PHE B 109 -41.27 -10.10 -7.81
C PHE B 109 -40.29 -10.95 -7.01
N ASN B 110 -40.71 -12.17 -6.65
CA ASN B 110 -39.86 -13.09 -5.90
C ASN B 110 -38.66 -13.54 -6.71
N THR B 111 -38.68 -13.24 -8.01
CA THR B 111 -37.58 -13.60 -8.90
C THR B 111 -36.51 -12.54 -8.75
N TYR B 112 -36.82 -11.32 -9.17
CA TYR B 112 -35.88 -10.20 -9.09
C TYR B 112 -35.37 -9.89 -7.69
N ARG B 113 -35.87 -10.63 -6.72
CA ARG B 113 -35.51 -10.41 -5.33
C ARG B 113 -34.77 -11.57 -4.64
N ARG B 114 -35.29 -12.78 -4.81
CA ARG B 114 -34.70 -13.94 -4.15
C ARG B 114 -34.03 -14.99 -5.04
N SER B 115 -34.03 -14.75 -6.35
CA SER B 115 -33.41 -15.66 -7.30
C SER B 115 -31.91 -15.62 -7.09
N PHE B 116 -31.22 -16.71 -7.45
CA PHE B 116 -29.78 -16.75 -7.30
C PHE B 116 -29.02 -16.18 -8.50
N ASP B 117 -29.53 -16.43 -9.71
CA ASP B 117 -28.85 -15.97 -10.93
C ASP B 117 -29.57 -15.10 -11.95
N VAL B 118 -30.81 -14.70 -11.67
CA VAL B 118 -31.58 -13.87 -12.60
C VAL B 118 -31.64 -12.42 -12.06
N PRO B 119 -30.83 -11.52 -12.65
CA PRO B 119 -30.80 -10.12 -12.21
C PRO B 119 -31.93 -9.24 -12.73
N PRO B 120 -32.21 -8.14 -12.01
CA PRO B 120 -33.27 -7.18 -12.39
C PRO B 120 -32.94 -6.59 -13.75
N PRO B 121 -33.89 -5.83 -14.34
CA PRO B 121 -33.63 -5.21 -15.64
C PRO B 121 -32.56 -4.15 -15.44
N PRO B 122 -31.62 -4.01 -16.37
CA PRO B 122 -30.59 -2.98 -16.16
C PRO B 122 -31.18 -1.57 -16.12
N ILE B 123 -30.71 -0.76 -15.18
CA ILE B 123 -31.19 0.62 -15.05
C ILE B 123 -30.65 1.49 -16.18
N ASP B 124 -31.45 2.44 -16.63
CA ASP B 124 -31.02 3.34 -17.69
C ASP B 124 -29.82 4.18 -17.22
N ALA B 125 -28.90 4.45 -18.14
CA ALA B 125 -27.68 5.20 -17.82
C ALA B 125 -27.90 6.65 -17.42
N SER B 126 -28.90 7.30 -18.00
CA SER B 126 -29.20 8.71 -17.67
C SER B 126 -30.18 8.84 -16.50
N SER B 127 -30.57 7.71 -15.92
CA SER B 127 -31.47 7.70 -14.79
C SER B 127 -30.76 8.40 -13.61
N PRO B 128 -31.54 9.05 -12.73
CA PRO B 128 -30.92 9.74 -11.58
C PRO B 128 -30.34 8.73 -10.60
N PHE B 129 -30.93 7.54 -10.61
CA PHE B 129 -30.51 6.45 -9.71
C PHE B 129 -29.42 5.60 -10.31
N SER B 130 -28.61 6.26 -11.14
CA SER B 130 -27.48 5.64 -11.85
C SER B 130 -26.13 6.03 -11.25
N GLN B 131 -25.36 5.02 -10.83
CA GLN B 131 -24.02 5.23 -10.28
C GLN B 131 -22.94 5.33 -11.36
N LYS B 132 -23.34 5.30 -12.63
CA LYS B 132 -22.37 5.41 -13.72
C LYS B 132 -21.70 6.79 -13.69
N GLY B 133 -20.38 6.81 -13.87
CA GLY B 133 -19.65 8.06 -13.85
C GLY B 133 -19.37 8.60 -12.44
N ASP B 134 -19.82 7.88 -11.41
CA ASP B 134 -19.63 8.28 -10.01
C ASP B 134 -18.17 8.43 -9.65
N GLU B 135 -17.84 9.53 -8.98
CA GLU B 135 -16.49 9.85 -8.59
C GLU B 135 -15.82 8.75 -7.75
N ARG B 136 -16.55 8.09 -6.86
CA ARG B 136 -15.92 7.06 -6.02
C ARG B 136 -15.54 5.77 -6.76
N TYR B 137 -15.88 5.69 -8.04
CA TYR B 137 -15.55 4.53 -8.85
C TYR B 137 -14.69 4.89 -10.09
N LYS B 138 -14.23 6.15 -10.17
CA LYS B 138 -13.43 6.68 -11.29
C LYS B 138 -12.05 6.06 -11.59
N TYR B 139 -11.52 5.31 -10.63
CA TYR B 139 -10.24 4.62 -10.79
C TYR B 139 -10.45 3.09 -10.95
N VAL B 140 -11.63 2.71 -11.43
CA VAL B 140 -11.95 1.29 -11.65
C VAL B 140 -12.33 1.13 -13.11
N ASP B 141 -11.93 0.00 -13.70
CA ASP B 141 -12.20 -0.26 -15.10
C ASP B 141 -13.68 0.04 -15.34
N PRO B 142 -13.96 1.09 -16.11
CA PRO B 142 -15.33 1.49 -16.42
C PRO B 142 -16.22 0.31 -16.82
N ASN B 143 -15.68 -0.55 -17.68
CA ASN B 143 -16.38 -1.70 -18.24
C ASN B 143 -16.85 -2.76 -17.25
N VAL B 144 -16.28 -2.80 -16.05
CA VAL B 144 -16.70 -3.83 -15.07
C VAL B 144 -17.90 -3.46 -14.18
N LEU B 145 -18.08 -2.16 -13.97
CA LEU B 145 -19.15 -1.66 -13.13
C LEU B 145 -20.52 -2.05 -13.72
N PRO B 146 -21.32 -2.78 -12.92
CA PRO B 146 -22.66 -3.28 -13.26
C PRO B 146 -23.73 -2.23 -13.47
N GLU B 147 -24.82 -2.65 -14.12
CA GLU B 147 -25.97 -1.77 -14.35
C GLU B 147 -27.21 -2.54 -13.89
N THR B 148 -26.93 -3.68 -13.28
CA THR B 148 -27.91 -4.58 -12.71
C THR B 148 -27.06 -5.73 -12.19
N GLU B 149 -27.52 -6.42 -11.17
CA GLU B 149 -26.74 -7.53 -10.62
C GLU B 149 -27.61 -8.58 -9.98
N SER B 150 -27.08 -9.80 -9.94
CA SER B 150 -27.74 -10.94 -9.33
C SER B 150 -26.84 -11.35 -8.19
N LEU B 151 -27.27 -12.31 -7.36
CA LEU B 151 -26.42 -12.76 -6.25
C LEU B 151 -25.22 -13.48 -6.84
N ALA B 152 -25.47 -14.25 -7.91
CA ALA B 152 -24.42 -14.99 -8.61
C ALA B 152 -23.34 -13.99 -9.06
N LEU B 153 -23.80 -12.93 -9.73
CA LEU B 153 -22.94 -11.86 -10.23
C LEU B 153 -22.12 -11.17 -9.16
N VAL B 154 -22.72 -11.03 -7.96
CA VAL B 154 -22.10 -10.41 -6.79
C VAL B 154 -20.94 -11.25 -6.25
N ILE B 155 -21.14 -12.54 -6.08
CA ILE B 155 -20.08 -13.42 -5.56
C ILE B 155 -18.89 -13.46 -6.53
N ASP B 156 -19.20 -13.41 -7.83
CA ASP B 156 -18.18 -13.42 -8.86
C ASP B 156 -17.25 -12.22 -8.74
N ARG B 157 -17.83 -11.06 -8.43
CA ARG B 157 -17.07 -9.83 -8.30
C ARG B 157 -16.44 -9.67 -6.92
N LEU B 158 -17.06 -10.23 -5.90
CA LEU B 158 -16.58 -10.12 -4.54
C LEU B 158 -15.45 -11.07 -4.23
N LEU B 159 -15.53 -12.29 -4.76
CA LEU B 159 -14.53 -13.31 -4.49
C LEU B 159 -13.06 -12.94 -4.69
N PRO B 160 -12.72 -12.27 -5.80
CA PRO B 160 -11.32 -11.88 -6.04
C PRO B 160 -10.70 -11.09 -4.86
N TYR B 161 -11.41 -10.08 -4.37
CA TYR B 161 -10.97 -9.24 -3.26
C TYR B 161 -10.72 -10.02 -1.95
N TRP B 162 -11.61 -10.96 -1.66
CA TRP B 162 -11.52 -11.80 -0.47
C TRP B 162 -10.34 -12.80 -0.55
N GLN B 163 -10.07 -13.29 -1.76
CA GLN B 163 -8.99 -14.26 -2.00
C GLN B 163 -7.58 -13.64 -1.92
N ASP B 164 -7.42 -12.48 -2.55
CA ASP B 164 -6.17 -11.77 -2.59
C ASP B 164 -5.90 -10.90 -1.36
N VAL B 165 -6.77 -9.89 -1.20
CA VAL B 165 -6.64 -8.88 -0.15
C VAL B 165 -7.00 -9.25 1.28
N ILE B 166 -8.24 -9.70 1.48
CA ILE B 166 -8.72 -10.05 2.80
C ILE B 166 -8.00 -11.27 3.34
N ALA B 167 -7.81 -12.26 2.47
CA ALA B 167 -7.12 -13.49 2.85
C ALA B 167 -5.71 -13.23 3.37
N LYS B 168 -5.12 -12.11 2.95
CA LYS B 168 -3.77 -11.78 3.37
C LYS B 168 -3.72 -11.45 4.85
N ASP B 169 -4.74 -10.76 5.36
CA ASP B 169 -4.73 -10.43 6.76
C ASP B 169 -5.11 -11.66 7.59
N LEU B 170 -6.06 -12.46 7.12
CA LEU B 170 -6.44 -13.65 7.86
C LEU B 170 -5.25 -14.57 8.01
N LEU B 171 -4.64 -14.90 6.86
CA LEU B 171 -3.48 -15.78 6.81
C LEU B 171 -2.28 -15.19 7.58
N SER B 172 -2.30 -13.87 7.81
CA SER B 172 -1.26 -13.21 8.60
C SER B 172 -1.65 -13.20 10.09
N GLY B 173 -2.66 -13.99 10.45
CA GLY B 173 -3.09 -14.08 11.84
C GLY B 173 -3.90 -12.91 12.39
N LYS B 174 -4.31 -12.01 11.50
CA LYS B 174 -5.10 -10.85 11.92
C LYS B 174 -6.59 -11.11 11.91
N THR B 175 -7.25 -10.50 12.91
CA THR B 175 -8.68 -10.59 13.10
C THR B 175 -9.33 -9.57 12.18
N VAL B 176 -10.04 -10.06 11.19
CA VAL B 176 -10.64 -9.18 10.22
C VAL B 176 -12.11 -8.83 10.51
N MET B 177 -12.47 -7.58 10.24
CA MET B 177 -13.84 -7.14 10.41
C MET B 177 -14.30 -6.58 9.08
N ILE B 178 -15.48 -7.01 8.64
CA ILE B 178 -16.01 -6.52 7.38
C ILE B 178 -17.37 -5.88 7.62
N ALA B 179 -17.53 -4.63 7.17
CA ALA B 179 -18.78 -3.90 7.29
C ALA B 179 -19.34 -3.82 5.89
N ALA B 180 -20.22 -4.76 5.57
CA ALA B 180 -20.81 -4.78 4.24
C ALA B 180 -22.34 -4.80 4.31
N HIS B 181 -22.96 -5.36 3.27
CA HIS B 181 -24.41 -5.39 3.19
C HIS B 181 -25.01 -6.80 3.15
N GLY B 182 -26.33 -6.86 3.00
CA GLY B 182 -27.04 -8.13 2.95
C GLY B 182 -26.54 -9.11 1.92
N ASN B 183 -26.69 -8.77 0.65
CA ASN B 183 -26.23 -9.62 -0.44
C ASN B 183 -24.75 -9.94 -0.41
N SER B 184 -23.91 -8.92 -0.34
CA SER B 184 -22.47 -9.16 -0.32
C SER B 184 -22.05 -10.03 0.86
N LEU B 185 -22.67 -9.83 2.03
CA LEU B 185 -22.33 -10.64 3.19
C LEU B 185 -22.84 -12.09 3.11
N ARG B 186 -24.05 -12.29 2.56
CA ARG B 186 -24.59 -13.64 2.45
C ARG B 186 -23.85 -14.40 1.36
N GLY B 187 -23.51 -13.69 0.29
CA GLY B 187 -22.77 -14.29 -0.81
C GLY B 187 -21.46 -14.88 -0.30
N LEU B 188 -20.88 -14.20 0.70
CA LEU B 188 -19.63 -14.61 1.33
C LEU B 188 -19.86 -15.77 2.29
N VAL B 189 -20.97 -15.75 3.05
CA VAL B 189 -21.27 -16.83 3.98
C VAL B 189 -21.61 -18.09 3.19
N LYS B 190 -22.19 -17.90 2.02
CA LYS B 190 -22.50 -19.01 1.13
C LYS B 190 -21.17 -19.66 0.80
N HIS B 191 -20.25 -18.85 0.27
CA HIS B 191 -18.94 -19.33 -0.11
C HIS B 191 -18.27 -20.11 1.00
N LEU B 192 -18.29 -19.53 2.20
CA LEU B 192 -17.66 -20.14 3.35
C LEU B 192 -18.26 -21.48 3.75
N GLU B 193 -19.59 -21.52 3.91
CA GLU B 193 -20.27 -22.73 4.36
C GLU B 193 -20.72 -23.77 3.34
N GLY B 194 -20.37 -23.55 2.07
CA GLY B 194 -20.72 -24.49 1.01
C GLY B 194 -22.19 -24.64 0.67
N ILE B 195 -22.99 -23.67 1.10
CA ILE B 195 -24.42 -23.64 0.87
C ILE B 195 -24.71 -23.63 -0.63
N SER B 196 -25.59 -24.54 -1.09
CA SER B 196 -25.90 -24.62 -2.52
C SER B 196 -26.74 -23.44 -3.01
N ASP B 197 -26.73 -23.23 -4.32
CA ASP B 197 -27.48 -22.14 -4.95
C ASP B 197 -28.95 -22.21 -4.55
N ALA B 198 -29.41 -23.42 -4.28
CA ALA B 198 -30.80 -23.70 -3.91
C ALA B 198 -31.19 -23.27 -2.49
N ASP B 199 -30.35 -23.60 -1.52
CA ASP B 199 -30.64 -23.26 -0.13
C ASP B 199 -30.26 -21.85 0.35
N ILE B 200 -29.74 -21.02 -0.55
CA ILE B 200 -29.30 -19.66 -0.17
C ILE B 200 -30.39 -18.62 0.08
N ALA B 201 -31.48 -18.68 -0.69
CA ALA B 201 -32.58 -17.74 -0.54
C ALA B 201 -33.11 -17.80 0.90
N LYS B 202 -33.00 -19.01 1.48
CA LYS B 202 -33.47 -19.28 2.83
C LYS B 202 -32.70 -18.59 3.96
N LEU B 203 -31.46 -18.17 3.70
CA LEU B 203 -30.60 -17.54 4.71
C LEU B 203 -30.69 -16.03 4.92
N ASN B 204 -30.82 -15.64 6.19
CA ASN B 204 -30.88 -14.24 6.55
C ASN B 204 -29.85 -13.93 7.62
N ILE B 205 -29.20 -12.77 7.45
CA ILE B 205 -28.20 -12.30 8.38
C ILE B 205 -28.81 -11.08 9.02
N PRO B 206 -29.04 -11.15 10.35
CA PRO B 206 -29.63 -10.00 11.05
C PRO B 206 -28.67 -8.83 11.09
N THR B 207 -29.22 -7.62 11.08
CA THR B 207 -28.43 -6.40 11.13
C THR B 207 -27.95 -6.10 12.55
N GLY B 208 -26.94 -5.22 12.64
CA GLY B 208 -26.37 -4.79 13.90
C GLY B 208 -25.91 -5.88 14.85
N ILE B 209 -25.74 -7.09 14.32
CA ILE B 209 -25.27 -8.22 15.12
C ILE B 209 -24.06 -8.86 14.44
N PRO B 210 -22.89 -8.78 15.09
CA PRO B 210 -21.64 -9.34 14.58
C PRO B 210 -21.64 -10.86 14.50
N LEU B 211 -21.41 -11.38 13.30
CA LEU B 211 -21.35 -12.81 13.03
C LEU B 211 -19.87 -13.10 12.99
N VAL B 212 -19.39 -13.93 13.90
CA VAL B 212 -17.96 -14.27 13.99
C VAL B 212 -17.71 -15.70 13.53
N PHE B 213 -16.63 -15.86 12.77
CA PHE B 213 -16.23 -17.15 12.22
C PHE B 213 -14.83 -17.55 12.68
N GLU B 214 -14.69 -18.80 13.09
CA GLU B 214 -13.38 -19.28 13.50
C GLU B 214 -12.86 -20.22 12.41
N LEU B 215 -12.05 -19.65 11.52
CA LEU B 215 -11.46 -20.34 10.39
C LEU B 215 -10.16 -21.08 10.73
N ASP B 216 -9.62 -21.80 9.73
CA ASP B 216 -8.36 -22.54 9.88
C ASP B 216 -7.39 -22.10 8.79
N GLU B 217 -6.26 -22.80 8.68
CA GLU B 217 -5.22 -22.46 7.69
C GLU B 217 -5.69 -22.44 6.22
N ASN B 218 -6.78 -23.15 5.92
CA ASN B 218 -7.33 -23.21 4.56
C ASN B 218 -8.52 -22.28 4.43
N LEU B 219 -8.73 -21.46 5.44
CA LEU B 219 -9.82 -20.50 5.49
C LEU B 219 -11.19 -21.17 5.57
N LYS B 220 -11.21 -22.47 5.87
CA LYS B 220 -12.48 -23.20 6.01
C LYS B 220 -12.79 -23.21 7.52
N PRO B 221 -14.06 -23.05 7.89
CA PRO B 221 -14.49 -23.04 9.29
C PRO B 221 -14.00 -24.21 10.17
N SER B 222 -13.62 -23.89 11.41
CA SER B 222 -13.16 -24.88 12.41
C SER B 222 -14.41 -25.37 13.13
N LYS B 223 -15.14 -24.41 13.71
CA LYS B 223 -16.37 -24.66 14.43
C LYS B 223 -17.49 -23.81 13.78
N PRO B 224 -18.76 -24.11 14.10
CA PRO B 224 -19.88 -23.35 13.52
C PRO B 224 -19.90 -21.86 13.88
N SER B 225 -20.20 -21.01 12.89
CA SER B 225 -20.26 -19.56 13.10
C SER B 225 -21.23 -19.23 14.20
N TYR B 226 -21.09 -18.04 14.79
CA TYR B 226 -21.96 -17.65 15.89
C TYR B 226 -22.06 -16.14 16.04
N TYR B 227 -23.28 -15.67 16.30
CA TYR B 227 -23.51 -14.26 16.52
C TYR B 227 -23.12 -13.93 17.96
N LEU B 228 -22.95 -12.64 18.24
CA LEU B 228 -22.60 -12.21 19.59
C LEU B 228 -23.85 -12.13 20.48
N ASP B 229 -25.01 -12.09 19.83
CA ASP B 229 -26.31 -12.10 20.51
C ASP B 229 -27.12 -13.19 19.79
N PRO B 230 -26.91 -14.47 20.19
CA PRO B 230 -27.62 -15.61 19.59
C PRO B 230 -29.15 -15.47 19.65
N GLU B 231 -29.66 -14.95 20.77
CA GLU B 231 -31.11 -14.77 20.95
C GLU B 231 -31.76 -13.74 20.05
N ALA B 232 -31.14 -12.56 19.94
CA ALA B 232 -31.67 -11.48 19.10
C ALA B 232 -31.46 -11.81 17.63
N ALA B 233 -30.48 -12.65 17.36
CA ALA B 233 -30.17 -13.08 16.01
C ALA B 233 -31.18 -14.14 15.58
N ALA B 234 -31.60 -14.97 16.54
CA ALA B 234 -32.58 -16.03 16.28
C ALA B 234 -34.02 -15.55 16.50
N ALA B 235 -34.18 -14.33 17.01
CA ALA B 235 -35.49 -13.74 17.27
C ALA B 235 -36.29 -13.55 15.97
N PRO C 1 -4.03 7.18 -21.88
CA PRO C 1 -3.38 6.12 -21.08
C PRO C 1 -2.51 5.26 -21.98
N LYS C 2 -1.41 4.74 -21.44
CA LYS C 2 -0.48 3.91 -22.24
C LYS C 2 -0.07 2.61 -21.55
N LEU C 3 -0.06 1.54 -22.32
CA LEU C 3 0.25 0.21 -21.81
C LEU C 3 1.29 -0.50 -22.63
N VAL C 4 2.26 -1.09 -21.92
CA VAL C 4 3.33 -1.85 -22.55
C VAL C 4 3.31 -3.31 -22.10
N LEU C 5 3.21 -4.22 -23.05
CA LEU C 5 3.21 -5.66 -22.75
C LEU C 5 4.51 -6.34 -23.24
N VAL C 6 5.17 -7.08 -22.35
CA VAL C 6 6.43 -7.77 -22.71
C VAL C 6 6.42 -9.25 -22.29
N ARG C 7 6.49 -10.11 -23.30
CA ARG C 7 6.53 -11.56 -23.09
C ARG C 7 7.98 -11.96 -22.84
N HIS C 8 8.25 -12.54 -21.68
CA HIS C 8 9.59 -12.94 -21.32
C HIS C 8 10.24 -13.85 -22.36
N GLY C 9 11.53 -13.64 -22.60
CA GLY C 9 12.24 -14.45 -23.57
C GLY C 9 12.26 -15.93 -23.21
N GLN C 10 13.07 -16.69 -23.94
CA GLN C 10 13.20 -18.13 -23.76
C GLN C 10 13.50 -18.59 -22.35
N SER C 11 13.11 -19.82 -22.03
CA SER C 11 13.37 -20.38 -20.71
C SER C 11 14.19 -21.68 -20.77
N GLU C 12 14.65 -22.15 -19.62
CA GLU C 12 15.47 -23.36 -19.52
C GLU C 12 14.81 -24.69 -19.98
N TRP C 13 13.50 -24.66 -20.22
CA TRP C 13 12.76 -25.86 -20.63
C TRP C 13 12.38 -25.90 -22.11
N ASN C 14 12.79 -24.88 -22.85
CA ASN C 14 12.49 -24.82 -24.27
C ASN C 14 13.30 -25.87 -25.05
N GLU C 15 14.42 -26.29 -24.49
CA GLU C 15 15.33 -27.26 -25.10
C GLU C 15 15.02 -28.65 -24.57
N LYS C 16 14.39 -28.70 -23.41
CA LYS C 16 14.02 -29.96 -22.79
C LYS C 16 12.71 -30.53 -23.32
N ASN C 17 11.92 -29.66 -23.99
CA ASN C 17 10.65 -30.05 -24.58
C ASN C 17 9.66 -30.39 -23.47
N LEU C 18 9.74 -29.64 -22.36
CA LEU C 18 8.85 -29.87 -21.22
C LEU C 18 7.83 -28.77 -21.10
N PHE C 19 6.58 -29.17 -20.85
CA PHE C 19 5.48 -28.23 -20.63
C PHE C 19 5.81 -27.60 -19.29
N THR C 20 5.89 -26.26 -19.27
CA THR C 20 6.26 -25.50 -18.08
C THR C 20 5.13 -25.04 -17.17
N GLY C 21 4.28 -24.15 -17.69
CA GLY C 21 3.19 -23.65 -16.88
C GLY C 21 3.66 -22.85 -15.67
N TRP C 22 3.29 -23.30 -14.48
CA TRP C 22 3.64 -22.61 -13.23
C TRP C 22 4.97 -22.98 -12.59
N VAL C 23 5.65 -24.02 -13.08
CA VAL C 23 6.93 -24.39 -12.50
C VAL C 23 7.86 -23.19 -12.66
N ASP C 24 8.46 -22.74 -11.56
CA ASP C 24 9.31 -21.56 -11.63
C ASP C 24 10.66 -21.77 -12.33
N VAL C 25 10.56 -21.94 -13.64
CA VAL C 25 11.72 -22.15 -14.49
C VAL C 25 12.37 -20.81 -14.82
N LYS C 26 13.71 -20.83 -14.94
CA LYS C 26 14.45 -19.59 -15.21
C LYS C 26 14.73 -19.31 -16.67
N LEU C 27 15.16 -18.08 -16.93
CA LEU C 27 15.49 -17.64 -18.27
C LEU C 27 16.77 -18.35 -18.71
N SER C 28 16.96 -18.52 -20.01
CA SER C 28 18.18 -19.17 -20.47
C SER C 28 19.11 -18.01 -20.80
N ALA C 29 20.27 -18.31 -21.39
CA ALA C 29 21.21 -17.27 -21.76
C ALA C 29 20.56 -16.45 -22.88
N LYS C 30 19.78 -17.13 -23.73
CA LYS C 30 19.08 -16.51 -24.85
C LYS C 30 17.88 -15.70 -24.36
N GLY C 31 17.24 -16.19 -23.30
CA GLY C 31 16.11 -15.47 -22.74
C GLY C 31 16.59 -14.09 -22.33
N GLN C 32 17.68 -14.08 -21.57
CA GLN C 32 18.31 -12.85 -21.08
C GLN C 32 18.72 -11.90 -22.19
N GLN C 33 19.25 -12.40 -23.31
CA GLN C 33 19.63 -11.52 -24.44
C GLN C 33 18.36 -10.83 -24.95
N GLU C 34 17.26 -11.58 -24.99
CA GLU C 34 15.96 -11.07 -25.44
C GLU C 34 15.43 -9.99 -24.50
N ALA C 35 15.54 -10.22 -23.19
CA ALA C 35 15.08 -9.26 -22.18
C ALA C 35 15.72 -7.92 -22.47
N ALA C 36 17.04 -7.92 -22.59
CA ALA C 36 17.82 -6.71 -22.89
C ALA C 36 17.46 -6.09 -24.24
N ARG C 37 16.99 -6.90 -25.19
CA ARG C 37 16.59 -6.33 -26.48
C ARG C 37 15.28 -5.58 -26.30
N ALA C 38 14.42 -6.08 -25.41
CA ALA C 38 13.13 -5.45 -25.12
C ALA C 38 13.41 -4.08 -24.55
N GLY C 39 14.29 -4.05 -23.55
CA GLY C 39 14.68 -2.82 -22.89
C GLY C 39 15.26 -1.82 -23.85
N GLU C 40 16.09 -2.29 -24.78
CA GLU C 40 16.71 -1.41 -25.77
C GLU C 40 15.65 -0.81 -26.69
N LEU C 41 14.60 -1.59 -26.96
CA LEU C 41 13.49 -1.14 -27.80
C LEU C 41 12.66 -0.09 -27.07
N LEU C 42 12.55 -0.27 -25.75
CA LEU C 42 11.81 0.68 -24.92
C LEU C 42 12.49 2.03 -24.98
N LYS C 43 13.81 2.04 -24.75
CA LYS C 43 14.60 3.29 -24.76
C LYS C 43 14.70 3.90 -26.14
N GLU C 44 15.09 3.08 -27.12
CA GLU C 44 15.26 3.48 -28.51
C GLU C 44 13.96 4.09 -29.05
N LYS C 45 12.86 3.36 -28.91
CA LYS C 45 11.55 3.82 -29.37
C LYS C 45 10.82 4.80 -28.43
N LYS C 46 11.50 5.25 -27.39
CA LYS C 46 10.93 6.21 -26.44
C LYS C 46 9.57 5.85 -25.84
N VAL C 47 9.56 4.84 -24.98
CA VAL C 47 8.36 4.43 -24.26
C VAL C 47 8.85 4.39 -22.83
N TYR C 48 8.40 5.35 -22.02
CA TYR C 48 8.89 5.44 -20.65
C TYR C 48 7.93 5.05 -19.53
N PRO C 49 8.00 3.78 -19.10
CA PRO C 49 7.17 3.20 -18.04
C PRO C 49 7.32 3.93 -16.72
N ASP C 50 6.20 4.09 -16.02
CA ASP C 50 6.18 4.77 -14.74
C ASP C 50 6.06 3.73 -13.62
N VAL C 51 5.30 2.68 -13.87
CA VAL C 51 5.06 1.61 -12.89
C VAL C 51 5.20 0.25 -13.57
N LEU C 52 5.59 -0.77 -12.82
CA LEU C 52 5.76 -2.11 -13.38
C LEU C 52 4.96 -3.19 -12.67
N TYR C 53 4.42 -4.11 -13.47
CA TYR C 53 3.65 -5.25 -12.99
C TYR C 53 4.18 -6.56 -13.58
N THR C 54 4.51 -7.52 -12.69
CA THR C 54 5.03 -8.83 -13.10
C THR C 54 4.22 -9.96 -12.44
N SER C 55 4.41 -11.18 -12.93
CA SER C 55 3.73 -12.32 -12.36
C SER C 55 4.60 -12.71 -11.18
N LYS C 56 4.28 -13.83 -10.56
CA LYS C 56 5.09 -14.31 -9.45
C LYS C 56 6.17 -15.29 -9.94
N LEU C 57 6.34 -15.38 -11.26
CA LEU C 57 7.30 -16.27 -11.90
C LEU C 57 8.60 -15.57 -12.31
N SER C 58 9.71 -16.10 -11.79
CA SER C 58 11.07 -15.60 -12.03
C SER C 58 11.45 -15.28 -13.49
N ARG C 59 10.96 -16.05 -14.45
CA ARG C 59 11.29 -15.79 -15.84
C ARG C 59 10.81 -14.42 -16.35
N ALA C 60 9.69 -13.93 -15.86
CA ALA C 60 9.20 -12.62 -16.30
C ALA C 60 9.83 -11.55 -15.40
N ILE C 61 10.02 -11.90 -14.13
CA ILE C 61 10.63 -10.99 -13.17
C ILE C 61 12.05 -10.71 -13.65
N GLN C 62 12.72 -11.72 -14.17
CA GLN C 62 14.08 -11.57 -14.70
C GLN C 62 14.06 -10.69 -15.93
N THR C 63 13.07 -10.93 -16.78
CA THR C 63 12.92 -10.16 -18.01
C THR C 63 12.69 -8.68 -17.70
N ALA C 64 11.90 -8.41 -16.67
CA ALA C 64 11.59 -7.05 -16.26
C ALA C 64 12.87 -6.34 -15.78
N ASN C 65 13.57 -6.98 -14.85
CA ASN C 65 14.82 -6.45 -14.28
C ASN C 65 15.90 -6.15 -15.32
N ILE C 66 16.00 -7.01 -16.33
CA ILE C 66 16.99 -6.86 -17.38
C ILE C 66 16.61 -5.73 -18.34
N ALA C 67 15.36 -5.77 -18.83
CA ALA C 67 14.87 -4.74 -19.75
C ALA C 67 14.97 -3.35 -19.12
N LEU C 68 14.52 -3.24 -17.88
CA LEU C 68 14.57 -1.95 -17.18
C LEU C 68 16.00 -1.48 -16.97
N GLU C 69 16.92 -2.42 -16.71
CA GLU C 69 18.31 -2.05 -16.53
C GLU C 69 18.77 -1.37 -17.84
N LYS C 70 18.40 -1.95 -18.99
CA LYS C 70 18.76 -1.37 -20.28
C LYS C 70 18.07 -0.05 -20.60
N ALA C 71 16.86 0.13 -20.10
CA ALA C 71 16.07 1.35 -20.34
C ALA C 71 16.27 2.45 -19.30
N ASP C 72 17.20 2.23 -18.35
CA ASP C 72 17.54 3.18 -17.28
C ASP C 72 16.36 3.54 -16.35
N ARG C 73 15.38 2.64 -16.23
CA ARG C 73 14.23 2.92 -15.38
C ARG C 73 14.06 1.92 -14.27
N LEU C 74 15.19 1.44 -13.78
CA LEU C 74 15.24 0.42 -12.74
C LEU C 74 14.63 0.84 -11.42
N TRP C 75 14.41 2.14 -11.27
CA TRP C 75 13.87 2.69 -10.03
C TRP C 75 12.37 2.66 -9.78
N ILE C 76 11.58 2.62 -10.86
CA ILE C 76 10.11 2.62 -10.76
C ILE C 76 9.47 1.57 -9.85
N PRO C 77 8.29 1.89 -9.28
CA PRO C 77 7.54 1.01 -8.38
C PRO C 77 7.18 -0.30 -9.07
N VAL C 78 7.28 -1.40 -8.33
CA VAL C 78 7.03 -2.73 -8.86
C VAL C 78 6.09 -3.56 -8.00
N ASN C 79 5.06 -4.12 -8.65
CA ASN C 79 4.05 -4.94 -7.97
C ASN C 79 3.97 -6.29 -8.67
N ARG C 80 3.68 -7.34 -7.90
CA ARG C 80 3.61 -8.69 -8.45
C ARG C 80 2.31 -9.39 -8.03
N SER C 81 1.78 -10.23 -8.91
CA SER C 81 0.55 -10.96 -8.64
C SER C 81 0.51 -12.30 -9.36
N TRP C 82 0.04 -13.34 -8.68
CA TRP C 82 -0.12 -14.69 -9.25
C TRP C 82 -1.15 -14.65 -10.39
N ARG C 83 -2.01 -13.63 -10.40
CA ARG C 83 -3.04 -13.49 -11.43
C ARG C 83 -2.43 -13.09 -12.77
N LEU C 84 -1.11 -12.98 -12.81
CA LEU C 84 -0.45 -12.64 -14.05
C LEU C 84 0.38 -13.85 -14.51
N ASN C 85 0.43 -14.87 -13.64
CA ASN C 85 1.14 -16.12 -13.92
C ASN C 85 0.73 -16.74 -15.26
N GLU C 86 1.53 -17.70 -15.70
CA GLU C 86 1.29 -18.43 -16.95
C GLU C 86 0.12 -19.38 -16.69
N ARG C 87 -0.45 -19.90 -17.77
CA ARG C 87 -1.54 -20.86 -17.68
C ARG C 87 -0.97 -22.10 -17.00
N HIS C 88 -1.57 -22.48 -15.88
CA HIS C 88 -1.15 -23.68 -15.16
C HIS C 88 -1.42 -24.88 -16.11
N TYR C 89 -0.45 -25.79 -16.23
CA TYR C 89 -0.60 -26.93 -17.13
C TYR C 89 -1.04 -28.25 -16.50
N GLY C 90 -1.66 -28.17 -15.32
CA GLY C 90 -2.13 -29.36 -14.65
C GLY C 90 -1.10 -30.47 -14.61
N ASP C 91 -1.53 -31.70 -14.89
CA ASP C 91 -0.67 -32.88 -14.89
C ASP C 91 0.44 -32.86 -15.95
N LEU C 92 0.27 -32.02 -16.95
CA LEU C 92 1.23 -31.85 -18.05
C LEU C 92 2.51 -31.07 -17.69
N GLN C 93 2.53 -30.40 -16.53
CA GLN C 93 3.73 -29.66 -16.13
C GLN C 93 4.85 -30.65 -15.83
N GLY C 94 6.00 -30.45 -16.47
CA GLY C 94 7.14 -31.32 -16.27
C GLY C 94 7.23 -32.54 -17.20
N LYS C 95 6.35 -32.60 -18.20
CA LYS C 95 6.34 -33.74 -19.10
C LYS C 95 6.74 -33.43 -20.55
N ASP C 96 7.40 -34.40 -21.19
CA ASP C 96 7.87 -34.22 -22.55
C ASP C 96 6.73 -33.97 -23.52
N LYS C 97 6.80 -32.84 -24.23
CA LYS C 97 5.79 -32.47 -25.21
C LYS C 97 5.65 -33.53 -26.30
N ALA C 98 6.77 -34.07 -26.77
CA ALA C 98 6.78 -35.09 -27.81
C ALA C 98 6.28 -36.47 -27.33
N GLU C 99 6.56 -36.79 -26.07
CA GLU C 99 6.12 -38.06 -25.51
C GLU C 99 4.63 -37.98 -25.29
N THR C 100 4.18 -36.81 -24.82
CA THR C 100 2.77 -36.53 -24.57
C THR C 100 1.94 -36.59 -25.86
N LEU C 101 2.53 -36.16 -26.98
CA LEU C 101 1.84 -36.21 -28.27
C LEU C 101 1.66 -37.66 -28.76
N LYS C 102 2.52 -38.57 -28.27
CA LYS C 102 2.44 -39.98 -28.67
C LYS C 102 1.38 -40.75 -27.86
N LYS C 103 1.14 -40.29 -26.64
CA LYS C 103 0.19 -40.90 -25.72
C LYS C 103 -1.25 -40.45 -25.98
N PHE C 104 -1.45 -39.16 -26.18
CA PHE C 104 -2.78 -38.60 -26.40
C PHE C 104 -3.18 -38.37 -27.84
N GLY C 105 -2.21 -38.47 -28.73
CA GLY C 105 -2.51 -38.29 -30.14
C GLY C 105 -2.60 -36.82 -30.45
N GLU C 106 -2.53 -36.48 -31.73
CA GLU C 106 -2.55 -35.10 -32.18
C GLU C 106 -3.75 -34.24 -31.82
N GLU C 107 -4.96 -34.76 -31.98
CA GLU C 107 -6.14 -33.97 -31.67
C GLU C 107 -6.22 -33.58 -30.19
N LYS C 108 -6.01 -34.55 -29.30
CA LYS C 108 -6.08 -34.28 -27.87
C LYS C 108 -4.93 -33.36 -27.47
N PHE C 109 -3.79 -33.54 -28.14
CA PHE C 109 -2.60 -32.72 -27.88
C PHE C 109 -2.90 -31.24 -28.17
N ASN C 110 -3.58 -30.96 -29.28
CA ASN C 110 -3.94 -29.59 -29.66
C ASN C 110 -5.00 -28.99 -28.74
N THR C 111 -5.91 -29.83 -28.24
CA THR C 111 -6.96 -29.38 -27.34
C THR C 111 -6.36 -28.98 -26.00
N TYR C 112 -5.46 -29.81 -25.48
CA TYR C 112 -4.78 -29.53 -24.22
C TYR C 112 -3.93 -28.27 -24.37
N ARG C 113 -3.44 -28.05 -25.58
CA ARG C 113 -2.60 -26.92 -25.85
C ARG C 113 -3.27 -25.62 -26.27
N ARG C 114 -4.20 -25.70 -27.21
CA ARG C 114 -4.84 -24.48 -27.71
C ARG C 114 -6.36 -24.37 -27.67
N SER C 115 -6.98 -25.00 -26.68
CA SER C 115 -8.42 -24.91 -26.57
C SER C 115 -8.75 -23.87 -25.52
N PHE C 116 -9.78 -23.10 -25.80
CA PHE C 116 -10.20 -22.04 -24.91
C PHE C 116 -10.80 -22.53 -23.59
N ASP C 117 -11.80 -23.43 -23.68
CA ASP C 117 -12.52 -23.93 -22.50
C ASP C 117 -12.07 -25.21 -21.86
N VAL C 118 -11.40 -26.08 -22.63
CA VAL C 118 -10.95 -27.36 -22.09
C VAL C 118 -9.54 -27.35 -21.47
N PRO C 119 -9.46 -27.53 -20.14
CA PRO C 119 -8.19 -27.54 -19.42
C PRO C 119 -7.57 -28.93 -19.36
N PRO C 120 -6.27 -29.02 -18.99
CA PRO C 120 -5.60 -30.32 -18.88
C PRO C 120 -6.13 -31.06 -17.63
N PRO C 121 -5.61 -32.25 -17.33
CA PRO C 121 -6.12 -32.94 -16.13
C PRO C 121 -5.55 -32.32 -14.85
N PRO C 122 -6.27 -32.42 -13.72
CA PRO C 122 -5.75 -31.84 -12.48
C PRO C 122 -4.47 -32.54 -12.05
N ILE C 123 -3.44 -31.76 -11.79
CA ILE C 123 -2.16 -32.32 -11.37
C ILE C 123 -2.34 -32.95 -10.00
N ASP C 124 -1.56 -34.00 -9.74
CA ASP C 124 -1.57 -34.67 -8.44
C ASP C 124 -0.92 -33.68 -7.46
N ALA C 125 -1.52 -33.48 -6.28
CA ALA C 125 -0.98 -32.56 -5.28
C ALA C 125 0.41 -32.94 -4.73
N SER C 126 0.78 -34.21 -4.86
CA SER C 126 2.07 -34.71 -4.37
C SER C 126 3.13 -34.80 -5.47
N SER C 127 2.78 -34.43 -6.69
CA SER C 127 3.72 -34.46 -7.82
C SER C 127 4.85 -33.46 -7.62
N PRO C 128 6.09 -33.90 -7.87
CA PRO C 128 7.26 -33.03 -7.72
C PRO C 128 7.17 -31.74 -8.55
N PHE C 129 6.16 -31.66 -9.42
CA PHE C 129 5.95 -30.50 -10.27
C PHE C 129 4.73 -29.66 -9.89
N SER C 130 4.27 -29.81 -8.65
CA SER C 130 3.12 -29.05 -8.15
C SER C 130 3.57 -27.81 -7.34
N GLN C 131 2.93 -26.68 -7.59
CA GLN C 131 3.25 -25.43 -6.87
C GLN C 131 2.35 -25.29 -5.65
N LYS C 132 1.87 -26.41 -5.12
CA LYS C 132 1.01 -26.35 -3.96
C LYS C 132 1.86 -26.16 -2.73
N GLY C 133 1.45 -25.21 -1.89
CA GLY C 133 2.20 -24.96 -0.68
C GLY C 133 3.41 -24.09 -0.90
N ASP C 134 3.61 -23.62 -2.15
CA ASP C 134 4.74 -22.76 -2.50
C ASP C 134 4.62 -21.50 -1.67
N GLU C 135 5.72 -21.18 -0.99
CA GLU C 135 5.81 -20.03 -0.13
C GLU C 135 5.37 -18.73 -0.79
N ARG C 136 5.59 -18.60 -2.10
CA ARG C 136 5.23 -17.37 -2.79
C ARG C 136 3.71 -17.17 -2.98
N TYR C 137 2.92 -18.13 -2.51
CA TYR C 137 1.47 -18.06 -2.61
C TYR C 137 0.83 -18.26 -1.23
N LYS C 138 1.61 -18.16 -0.16
CA LYS C 138 1.10 -18.42 1.19
C LYS C 138 0.20 -17.38 1.84
N TYR C 139 -0.02 -16.26 1.14
CA TYR C 139 -0.89 -15.20 1.67
C TYR C 139 -2.04 -14.98 0.69
N VAL C 140 -2.43 -16.09 0.07
CA VAL C 140 -3.51 -16.14 -0.90
C VAL C 140 -4.43 -17.26 -0.46
N ASP C 141 -5.74 -17.03 -0.60
CA ASP C 141 -6.76 -18.02 -0.27
C ASP C 141 -6.36 -19.29 -1.02
N PRO C 142 -6.00 -20.36 -0.28
CA PRO C 142 -5.57 -21.66 -0.84
C PRO C 142 -6.55 -22.26 -1.84
N ASN C 143 -7.84 -22.08 -1.58
CA ASN C 143 -8.90 -22.62 -2.43
C ASN C 143 -9.01 -22.03 -3.83
N VAL C 144 -8.34 -20.92 -4.11
CA VAL C 144 -8.44 -20.34 -5.45
C VAL C 144 -7.30 -20.78 -6.38
N LEU C 145 -6.13 -21.03 -5.80
CA LEU C 145 -4.96 -21.47 -6.54
C LEU C 145 -5.37 -22.66 -7.40
N PRO C 146 -5.09 -22.61 -8.71
CA PRO C 146 -5.42 -23.65 -9.70
C PRO C 146 -4.54 -24.90 -9.66
N GLU C 147 -5.08 -25.99 -10.20
CA GLU C 147 -4.37 -27.28 -10.28
C GLU C 147 -4.34 -27.76 -11.74
N THR C 148 -4.77 -26.84 -12.61
CA THR C 148 -4.84 -26.98 -14.05
C THR C 148 -5.60 -25.73 -14.47
N GLU C 149 -5.36 -25.25 -15.69
CA GLU C 149 -6.07 -24.07 -16.18
C GLU C 149 -6.20 -24.08 -17.69
N SER C 150 -7.10 -23.22 -18.19
CA SER C 150 -7.30 -23.05 -19.61
C SER C 150 -7.28 -21.54 -19.81
N LEU C 151 -7.09 -21.10 -21.04
CA LEU C 151 -7.08 -19.67 -21.30
C LEU C 151 -8.38 -19.03 -20.78
N ALA C 152 -9.47 -19.81 -20.70
CA ALA C 152 -10.73 -19.27 -20.21
C ALA C 152 -10.60 -19.00 -18.71
N LEU C 153 -10.05 -19.99 -18.00
CA LEU C 153 -9.84 -19.89 -16.56
C LEU C 153 -8.81 -18.82 -16.19
N VAL C 154 -7.77 -18.69 -17.02
CA VAL C 154 -6.70 -17.72 -16.84
C VAL C 154 -7.31 -16.34 -16.91
N ILE C 155 -8.03 -16.07 -18.01
CA ILE C 155 -8.68 -14.77 -18.15
C ILE C 155 -9.57 -14.44 -16.94
N ASP C 156 -10.27 -15.43 -16.39
CA ASP C 156 -11.15 -15.22 -15.24
C ASP C 156 -10.43 -14.71 -14.02
N ARG C 157 -9.29 -15.32 -13.69
CA ARG C 157 -8.53 -14.87 -12.53
C ARG C 157 -7.63 -13.68 -12.82
N LEU C 158 -7.42 -13.38 -14.08
CA LEU C 158 -6.57 -12.24 -14.42
C LEU C 158 -7.32 -10.92 -14.36
N LEU C 159 -8.56 -10.90 -14.83
CA LEU C 159 -9.36 -9.68 -14.88
C LEU C 159 -9.53 -8.90 -13.58
N PRO C 160 -9.82 -9.57 -12.45
CA PRO C 160 -9.98 -8.85 -11.19
C PRO C 160 -8.75 -7.96 -10.87
N TYR C 161 -7.56 -8.45 -11.20
CA TYR C 161 -6.35 -7.68 -10.95
C TYR C 161 -6.35 -6.49 -11.91
N TRP C 162 -6.54 -6.75 -13.19
CA TRP C 162 -6.56 -5.71 -14.20
C TRP C 162 -7.65 -4.66 -13.92
N GLN C 163 -8.81 -5.15 -13.47
CA GLN C 163 -9.96 -4.30 -13.19
C GLN C 163 -9.78 -3.25 -12.09
N ASP C 164 -9.22 -3.67 -10.96
CA ASP C 164 -8.98 -2.81 -9.80
C ASP C 164 -7.56 -2.23 -9.79
N VAL C 165 -6.57 -3.11 -9.65
CA VAL C 165 -5.17 -2.75 -9.54
C VAL C 165 -4.46 -2.06 -10.72
N ILE C 166 -4.43 -2.70 -11.88
CA ILE C 166 -3.74 -2.10 -13.02
C ILE C 166 -4.46 -0.88 -13.61
N ALA C 167 -5.78 -0.87 -13.61
CA ALA C 167 -6.55 0.25 -14.16
C ALA C 167 -6.41 1.54 -13.37
N LYS C 168 -6.18 1.40 -12.07
CA LYS C 168 -6.01 2.55 -11.18
C LYS C 168 -4.83 3.38 -11.68
N ASP C 169 -3.75 2.69 -12.07
CA ASP C 169 -2.57 3.37 -12.60
C ASP C 169 -2.80 3.98 -13.98
N LEU C 170 -3.51 3.28 -14.89
CA LEU C 170 -3.79 3.82 -16.22
C LEU C 170 -4.75 5.01 -16.16
N LEU C 171 -5.73 4.94 -15.26
CA LEU C 171 -6.68 6.04 -15.10
C LEU C 171 -6.06 7.18 -14.25
N SER C 172 -4.90 6.91 -13.65
CA SER C 172 -4.17 7.91 -12.86
C SER C 172 -3.16 8.64 -13.76
N GLY C 173 -3.14 8.29 -15.04
CA GLY C 173 -2.22 8.92 -15.99
C GLY C 173 -0.85 8.27 -16.14
N LYS C 174 -0.67 7.06 -15.61
CA LYS C 174 0.60 6.37 -15.70
C LYS C 174 0.77 5.45 -16.94
N THR C 175 2.01 5.28 -17.36
CA THR C 175 2.31 4.39 -18.47
C THR C 175 2.67 3.09 -17.77
N VAL C 176 1.81 2.09 -17.90
CA VAL C 176 2.01 0.82 -17.24
C VAL C 176 2.67 -0.22 -18.14
N MET C 177 3.61 -0.97 -17.54
CA MET C 177 4.31 -2.05 -18.25
C MET C 177 4.04 -3.38 -17.55
N ILE C 178 3.74 -4.40 -18.33
CA ILE C 178 3.50 -5.74 -17.79
C ILE C 178 4.51 -6.72 -18.39
N ALA C 179 5.22 -7.41 -17.50
CA ALA C 179 6.21 -8.43 -17.89
C ALA C 179 5.50 -9.70 -17.50
N ALA C 180 4.96 -10.39 -18.49
CA ALA C 180 4.24 -11.60 -18.20
C ALA C 180 4.53 -12.74 -19.14
N HIS C 181 3.62 -13.70 -19.13
CA HIS C 181 3.70 -14.90 -19.91
C HIS C 181 2.78 -14.89 -21.11
N GLY C 182 3.03 -15.81 -22.05
CA GLY C 182 2.25 -15.90 -23.29
C GLY C 182 0.75 -16.03 -23.17
N ASN C 183 0.28 -16.96 -22.33
CA ASN C 183 -1.16 -17.16 -22.16
C ASN C 183 -1.86 -15.96 -21.54
N SER C 184 -1.43 -15.57 -20.35
CA SER C 184 -2.01 -14.42 -19.64
C SER C 184 -2.01 -13.16 -20.50
N LEU C 185 -0.96 -12.96 -21.29
CA LEU C 185 -0.86 -11.78 -22.17
C LEU C 185 -1.83 -11.86 -23.34
N ARG C 186 -2.01 -13.06 -23.88
CA ARG C 186 -2.96 -13.25 -24.97
C ARG C 186 -4.36 -13.13 -24.38
N GLY C 187 -4.52 -13.60 -23.15
CA GLY C 187 -5.79 -13.49 -22.46
C GLY C 187 -6.20 -12.02 -22.41
N LEU C 188 -5.29 -11.15 -21.96
CA LEU C 188 -5.55 -9.73 -21.91
C LEU C 188 -5.81 -9.09 -23.29
N VAL C 189 -5.05 -9.49 -24.30
CA VAL C 189 -5.25 -8.92 -25.63
C VAL C 189 -6.66 -9.23 -26.12
N LYS C 190 -7.10 -10.47 -25.89
CA LYS C 190 -8.43 -10.94 -26.25
C LYS C 190 -9.48 -10.01 -25.62
N HIS C 191 -9.31 -9.74 -24.32
CA HIS C 191 -10.22 -8.87 -23.58
C HIS C 191 -10.20 -7.46 -24.15
N LEU C 192 -9.00 -6.91 -24.39
CA LEU C 192 -8.85 -5.54 -24.92
C LEU C 192 -9.36 -5.29 -26.34
N GLU C 193 -9.16 -6.27 -27.25
CA GLU C 193 -9.59 -6.14 -28.64
C GLU C 193 -10.89 -6.89 -28.96
N GLY C 194 -11.44 -7.58 -27.97
CA GLY C 194 -12.69 -8.31 -28.20
C GLY C 194 -12.54 -9.45 -29.20
N ILE C 195 -11.43 -10.17 -29.10
CA ILE C 195 -11.17 -11.29 -29.98
C ILE C 195 -12.10 -12.42 -29.59
N SER C 196 -12.66 -13.09 -30.59
CA SER C 196 -13.61 -14.18 -30.38
C SER C 196 -13.00 -15.38 -29.68
N ASP C 197 -13.86 -16.20 -29.10
CA ASP C 197 -13.45 -17.41 -28.41
C ASP C 197 -12.87 -18.41 -29.39
N ALA C 198 -13.28 -18.32 -30.64
CA ALA C 198 -12.80 -19.22 -31.69
C ALA C 198 -11.49 -18.74 -32.28
N ASP C 199 -11.40 -17.43 -32.52
CA ASP C 199 -10.24 -16.79 -33.14
C ASP C 199 -8.97 -16.64 -32.27
N ILE C 200 -9.09 -16.67 -30.95
CA ILE C 200 -7.93 -16.46 -30.07
C ILE C 200 -6.80 -17.49 -30.13
N ALA C 201 -7.12 -18.73 -30.47
CA ALA C 201 -6.10 -19.78 -30.54
C ALA C 201 -4.94 -19.47 -31.51
N LYS C 202 -5.24 -18.76 -32.60
CA LYS C 202 -4.25 -18.42 -33.61
C LYS C 202 -3.39 -17.17 -33.32
N LEU C 203 -3.67 -16.44 -32.25
CA LEU C 203 -2.86 -15.25 -31.95
C LEU C 203 -1.54 -15.63 -31.27
N ASN C 204 -0.48 -14.93 -31.64
CA ASN C 204 0.82 -15.19 -31.06
C ASN C 204 1.54 -13.91 -30.67
N ILE C 205 2.09 -13.92 -29.47
CA ILE C 205 2.83 -12.78 -28.97
C ILE C 205 4.33 -13.09 -28.98
N PRO C 206 5.09 -12.32 -29.77
CA PRO C 206 6.54 -12.47 -29.92
C PRO C 206 7.25 -12.25 -28.58
N THR C 207 8.14 -13.17 -28.22
CA THR C 207 8.90 -13.05 -26.98
C THR C 207 9.88 -11.86 -27.11
N GLY C 208 10.06 -11.12 -26.02
CA GLY C 208 11.00 -9.99 -25.97
C GLY C 208 10.83 -8.77 -26.84
N ILE C 209 9.65 -8.57 -27.41
CA ILE C 209 9.35 -7.42 -28.25
C ILE C 209 8.09 -6.77 -27.68
N PRO C 210 8.22 -5.55 -27.14
CA PRO C 210 7.15 -4.79 -26.53
C PRO C 210 5.95 -4.43 -27.40
N LEU C 211 4.76 -4.75 -26.90
CA LEU C 211 3.50 -4.45 -27.56
C LEU C 211 2.94 -3.27 -26.76
N VAL C 212 2.69 -2.17 -27.46
CA VAL C 212 2.17 -0.98 -26.84
C VAL C 212 0.72 -0.74 -27.20
N PHE C 213 -0.10 -0.48 -26.19
CA PHE C 213 -1.52 -0.20 -26.40
C PHE C 213 -1.84 1.22 -25.97
N GLU C 214 -2.44 1.99 -26.88
CA GLU C 214 -2.86 3.35 -26.60
C GLU C 214 -4.36 3.32 -26.35
N LEU C 215 -4.68 3.40 -25.06
CA LEU C 215 -6.04 3.32 -24.54
C LEU C 215 -6.70 4.66 -24.36
N ASP C 216 -8.03 4.63 -24.32
CA ASP C 216 -8.84 5.82 -24.10
C ASP C 216 -9.27 5.73 -22.64
N GLU C 217 -10.15 6.62 -22.20
CA GLU C 217 -10.61 6.61 -20.82
C GLU C 217 -11.38 5.33 -20.40
N ASN C 218 -11.90 4.59 -21.39
CA ASN C 218 -12.63 3.36 -21.08
C ASN C 218 -11.74 2.15 -21.25
N LEU C 219 -10.42 2.36 -21.18
CA LEU C 219 -9.45 1.29 -21.34
C LEU C 219 -9.66 0.43 -22.59
N LYS C 220 -10.04 1.12 -23.67
CA LYS C 220 -10.28 0.48 -24.96
C LYS C 220 -9.32 1.13 -25.96
N PRO C 221 -8.66 0.32 -26.79
CA PRO C 221 -7.71 0.82 -27.79
C PRO C 221 -8.25 1.96 -28.62
N SER C 222 -7.55 3.08 -28.64
CA SER C 222 -7.98 4.24 -29.44
C SER C 222 -7.43 4.12 -30.88
N LYS C 223 -6.50 3.18 -31.05
CA LYS C 223 -5.83 2.91 -32.32
C LYS C 223 -5.26 1.49 -32.21
N PRO C 224 -4.82 0.90 -33.33
CA PRO C 224 -4.28 -0.46 -33.22
C PRO C 224 -2.89 -0.60 -32.58
N SER C 225 -2.79 -1.62 -31.73
CA SER C 225 -1.57 -1.96 -31.00
C SER C 225 -0.37 -2.06 -31.91
N TYR C 226 0.76 -1.51 -31.46
CA TYR C 226 1.95 -1.58 -32.27
C TYR C 226 3.10 -2.13 -31.45
N TYR C 227 3.94 -2.92 -32.14
CA TYR C 227 5.13 -3.50 -31.54
C TYR C 227 6.27 -2.55 -31.82
N LEU C 228 7.25 -2.52 -30.94
CA LEU C 228 8.39 -1.62 -31.12
C LEU C 228 9.35 -2.05 -32.24
N ASP C 229 9.07 -3.23 -32.80
CA ASP C 229 9.82 -3.79 -33.91
C ASP C 229 8.67 -4.42 -34.71
N PRO C 230 8.02 -3.64 -35.60
CA PRO C 230 6.89 -4.05 -36.46
C PRO C 230 7.27 -5.12 -37.48
N GLU C 231 8.46 -4.98 -38.08
CA GLU C 231 8.96 -5.92 -39.07
C GLU C 231 9.27 -7.26 -38.42
N ALA C 232 9.86 -7.24 -37.21
CA ALA C 232 10.18 -8.46 -36.47
C ALA C 232 8.95 -9.00 -35.74
N ALA C 233 7.98 -8.11 -35.51
CA ALA C 233 6.73 -8.46 -34.85
C ALA C 233 6.07 -9.59 -35.62
N ALA C 234 5.87 -9.38 -36.92
CA ALA C 234 5.24 -10.38 -37.79
C ALA C 234 6.29 -11.10 -38.63
N PRO D 1 13.20 -10.81 15.17
CA PRO D 1 13.44 -10.20 13.85
C PRO D 1 14.88 -10.33 13.40
N LYS D 2 15.04 -10.59 12.11
CA LYS D 2 16.35 -10.73 11.50
C LYS D 2 16.39 -9.73 10.37
N LEU D 3 17.52 -9.04 10.24
CA LEU D 3 17.73 -8.05 9.20
C LEU D 3 18.98 -8.44 8.43
N VAL D 4 19.03 -8.12 7.14
CA VAL D 4 20.20 -8.42 6.32
C VAL D 4 20.58 -7.25 5.44
N LEU D 5 21.79 -6.75 5.69
CA LEU D 5 22.32 -5.63 4.96
C LEU D 5 23.28 -6.10 3.88
N VAL D 6 23.11 -5.55 2.69
CA VAL D 6 23.95 -5.87 1.55
C VAL D 6 24.44 -4.59 0.85
N ARG D 7 25.75 -4.36 0.87
CA ARG D 7 26.34 -3.18 0.24
C ARG D 7 26.76 -3.52 -1.19
N HIS D 8 26.39 -2.67 -2.15
CA HIS D 8 26.72 -2.94 -3.55
C HIS D 8 28.21 -2.97 -3.90
N GLY D 9 28.56 -3.70 -4.96
CA GLY D 9 29.95 -3.80 -5.43
C GLY D 9 30.39 -2.54 -6.16
N GLN D 10 31.57 -2.53 -6.78
CA GLN D 10 31.99 -1.30 -7.44
C GLN D 10 31.23 -0.87 -8.69
N SER D 11 31.11 0.44 -8.86
CA SER D 11 30.41 1.04 -9.98
C SER D 11 31.34 1.51 -11.09
N GLU D 12 30.73 1.85 -12.22
CA GLU D 12 31.45 2.33 -13.40
C GLU D 12 32.24 3.60 -13.13
N TRP D 13 31.82 4.35 -12.14
CA TRP D 13 32.49 5.60 -11.72
C TRP D 13 33.58 5.34 -10.69
N ASN D 14 33.45 4.24 -9.98
CA ASN D 14 34.42 3.84 -8.98
C ASN D 14 35.70 3.47 -9.74
N GLU D 15 35.50 2.80 -10.88
CA GLU D 15 36.56 2.37 -11.77
C GLU D 15 37.29 3.58 -12.35
N LYS D 16 36.53 4.56 -12.83
CA LYS D 16 37.06 5.79 -13.45
C LYS D 16 37.58 6.76 -12.39
N ASN D 17 37.46 6.35 -11.13
CA ASN D 17 37.89 7.12 -9.97
C ASN D 17 37.17 8.47 -9.86
N LEU D 18 35.85 8.43 -9.97
CA LEU D 18 35.01 9.62 -9.85
C LEU D 18 34.09 9.51 -8.63
N PHE D 19 33.84 10.65 -7.99
CA PHE D 19 32.95 10.72 -6.82
C PHE D 19 31.53 10.51 -7.33
N THR D 20 30.79 9.64 -6.68
CA THR D 20 29.44 9.37 -7.16
C THR D 20 28.28 10.04 -6.45
N GLY D 21 28.10 9.73 -5.16
CA GLY D 21 26.99 10.33 -4.43
C GLY D 21 25.65 9.87 -4.98
N TRP D 22 24.80 10.82 -5.39
CA TRP D 22 23.48 10.54 -5.94
C TRP D 22 23.45 10.35 -7.44
N VAL D 23 24.58 10.52 -8.11
CA VAL D 23 24.61 10.34 -9.56
C VAL D 23 24.21 8.88 -9.87
N ASP D 24 23.15 8.69 -10.66
CA ASP D 24 22.71 7.33 -10.96
C ASP D 24 23.70 6.61 -11.88
N VAL D 25 24.58 5.83 -11.27
CA VAL D 25 25.62 5.13 -12.01
C VAL D 25 25.37 3.64 -11.98
N LYS D 26 25.74 2.97 -13.08
CA LYS D 26 25.55 1.52 -13.22
C LYS D 26 26.62 0.73 -12.53
N LEU D 27 26.30 -0.51 -12.22
CA LEU D 27 27.22 -1.40 -11.56
C LEU D 27 28.29 -1.80 -12.57
N SER D 28 29.55 -1.90 -12.16
CA SER D 28 30.62 -2.30 -13.08
C SER D 28 30.48 -3.80 -13.32
N ALA D 29 31.14 -4.32 -14.36
CA ALA D 29 31.09 -5.77 -14.62
C ALA D 29 31.64 -6.54 -13.41
N LYS D 30 32.51 -5.88 -12.65
CA LYS D 30 33.12 -6.46 -11.46
C LYS D 30 32.11 -6.50 -10.30
N GLY D 31 31.36 -5.41 -10.13
CA GLY D 31 30.37 -5.33 -9.07
C GLY D 31 29.19 -6.26 -9.31
N GLN D 32 28.89 -6.52 -10.57
CA GLN D 32 27.81 -7.43 -10.94
C GLN D 32 28.15 -8.84 -10.44
N GLN D 33 29.45 -9.11 -10.29
CA GLN D 33 29.90 -10.42 -9.82
C GLN D 33 29.79 -10.54 -8.30
N GLU D 34 30.08 -9.45 -7.59
CA GLU D 34 29.99 -9.46 -6.14
C GLU D 34 28.53 -9.67 -5.70
N ALA D 35 27.59 -9.18 -6.52
CA ALA D 35 26.16 -9.32 -6.26
C ALA D 35 25.76 -10.80 -6.35
N ALA D 36 26.26 -11.48 -7.39
CA ALA D 36 25.99 -12.90 -7.58
C ALA D 36 26.48 -13.68 -6.37
N ARG D 37 27.65 -13.31 -5.88
CA ARG D 37 28.26 -13.94 -4.71
C ARG D 37 27.50 -13.61 -3.42
N ALA D 38 26.90 -12.42 -3.37
CA ALA D 38 26.11 -12.04 -2.21
C ALA D 38 24.88 -12.97 -2.22
N GLY D 39 24.27 -13.14 -3.40
CA GLY D 39 23.11 -14.00 -3.54
C GLY D 39 23.42 -15.45 -3.23
N GLU D 40 24.58 -15.91 -3.72
CA GLU D 40 25.10 -17.28 -3.51
C GLU D 40 25.25 -17.54 -2.02
N LEU D 41 25.72 -16.51 -1.30
CA LEU D 41 25.93 -16.52 0.13
C LEU D 41 24.62 -16.57 0.91
N LEU D 42 23.58 -15.91 0.39
CA LEU D 42 22.26 -15.92 1.04
C LEU D 42 21.68 -17.32 0.98
N LYS D 43 21.64 -17.89 -0.23
CA LYS D 43 21.12 -19.23 -0.44
C LYS D 43 21.93 -20.22 0.39
N GLU D 44 23.24 -20.20 0.19
CA GLU D 44 24.14 -21.10 0.90
C GLU D 44 23.97 -21.06 2.42
N LYS D 45 24.10 -19.87 3.01
CA LYS D 45 24.00 -19.71 4.44
C LYS D 45 22.62 -19.84 5.09
N LYS D 46 21.61 -20.13 4.27
CA LYS D 46 20.24 -20.31 4.72
C LYS D 46 19.60 -19.08 5.41
N VAL D 47 19.79 -17.93 4.78
CA VAL D 47 19.21 -16.64 5.22
C VAL D 47 18.19 -16.35 4.11
N TYR D 48 16.91 -16.32 4.48
CA TYR D 48 15.84 -16.16 3.48
C TYR D 48 14.96 -14.92 3.62
N PRO D 49 15.26 -13.84 2.85
CA PRO D 49 14.53 -12.57 2.85
C PRO D 49 13.07 -12.70 2.49
N ASP D 50 12.21 -12.18 3.37
CA ASP D 50 10.77 -12.19 3.16
C ASP D 50 10.31 -10.94 2.40
N VAL D 51 11.02 -9.83 2.60
CA VAL D 51 10.68 -8.58 1.90
C VAL D 51 11.99 -7.85 1.56
N LEU D 52 11.98 -7.05 0.49
CA LEU D 52 13.18 -6.31 0.06
C LEU D 52 13.06 -4.80 0.14
N TYR D 53 14.13 -4.13 0.58
CA TYR D 53 14.18 -2.68 0.67
C TYR D 53 15.42 -2.08 -0.03
N THR D 54 15.20 -1.25 -1.05
CA THR D 54 16.30 -0.61 -1.77
C THR D 54 16.16 0.92 -1.87
N SER D 55 17.18 1.55 -2.43
CA SER D 55 17.19 3.00 -2.63
C SER D 55 16.64 3.23 -4.03
N LYS D 56 16.72 4.47 -4.50
CA LYS D 56 16.25 4.79 -5.84
C LYS D 56 17.44 4.90 -6.84
N LEU D 57 18.61 4.40 -6.39
CA LEU D 57 19.82 4.42 -7.19
C LEU D 57 20.03 3.03 -7.80
N SER D 58 20.10 3.00 -9.13
CA SER D 58 20.26 1.79 -9.93
C SER D 58 21.23 0.73 -9.42
N ARG D 59 22.46 1.12 -9.12
CA ARG D 59 23.48 0.19 -8.63
C ARG D 59 23.02 -0.71 -7.48
N ALA D 60 22.30 -0.15 -6.50
CA ALA D 60 21.81 -0.94 -5.37
C ALA D 60 20.61 -1.80 -5.77
N ILE D 61 19.78 -1.28 -6.67
CA ILE D 61 18.63 -2.02 -7.16
C ILE D 61 19.18 -3.24 -7.87
N GLN D 62 20.10 -3.01 -8.81
CA GLN D 62 20.73 -4.10 -9.57
C GLN D 62 21.32 -5.19 -8.68
N THR D 63 22.10 -4.78 -7.68
CA THR D 63 22.72 -5.71 -6.73
C THR D 63 21.67 -6.64 -6.15
N ALA D 64 20.51 -6.08 -5.79
CA ALA D 64 19.44 -6.87 -5.21
C ALA D 64 18.89 -7.81 -6.25
N ASN D 65 18.70 -7.32 -7.48
CA ASN D 65 18.15 -8.14 -8.57
C ASN D 65 18.97 -9.39 -8.86
N ILE D 66 20.29 -9.19 -8.90
CA ILE D 66 21.25 -10.25 -9.18
C ILE D 66 21.34 -11.19 -7.98
N ALA D 67 21.55 -10.62 -6.80
CA ALA D 67 21.65 -11.43 -5.59
C ALA D 67 20.41 -12.30 -5.31
N LEU D 68 19.22 -11.74 -5.51
CA LEU D 68 17.97 -12.46 -5.27
C LEU D 68 17.66 -13.53 -6.33
N GLU D 69 18.35 -13.43 -7.47
CA GLU D 69 18.22 -14.34 -8.61
C GLU D 69 19.11 -15.58 -8.44
N LYS D 70 20.13 -15.47 -7.60
CA LYS D 70 21.02 -16.60 -7.33
C LYS D 70 20.46 -17.30 -6.10
N ALA D 71 19.76 -16.51 -5.29
CA ALA D 71 19.15 -16.99 -4.07
C ALA D 71 17.78 -17.64 -4.28
N ASP D 72 17.25 -17.58 -5.50
CA ASP D 72 15.94 -18.16 -5.79
C ASP D 72 14.77 -17.40 -5.12
N ARG D 73 14.96 -16.12 -4.80
CA ARG D 73 13.89 -15.32 -4.16
C ARG D 73 13.52 -14.03 -4.87
N LEU D 74 13.52 -14.06 -6.20
CA LEU D 74 13.22 -12.90 -7.04
C LEU D 74 11.85 -12.32 -6.87
N TRP D 75 10.93 -13.16 -6.44
CA TRP D 75 9.53 -12.83 -6.27
C TRP D 75 9.10 -11.88 -5.14
N ILE D 76 9.83 -11.89 -4.01
CA ILE D 76 9.50 -11.08 -2.84
C ILE D 76 9.19 -9.58 -3.13
N PRO D 77 8.32 -8.97 -2.30
CA PRO D 77 7.88 -7.57 -2.36
C PRO D 77 9.04 -6.58 -2.35
N VAL D 78 8.92 -5.49 -3.11
CA VAL D 78 9.99 -4.49 -3.16
C VAL D 78 9.62 -3.00 -3.11
N ASN D 79 10.18 -2.34 -2.10
CA ASN D 79 9.98 -0.91 -1.87
C ASN D 79 11.27 -0.16 -2.03
N ARG D 80 11.16 1.01 -2.66
CA ARG D 80 12.30 1.87 -2.94
C ARG D 80 12.06 3.23 -2.31
N SER D 81 13.09 3.76 -1.63
CA SER D 81 13.02 5.07 -1.00
C SER D 81 14.28 5.89 -1.22
N TRP D 82 14.13 7.20 -1.30
CA TRP D 82 15.27 8.10 -1.48
C TRP D 82 16.11 8.14 -0.20
N ARG D 83 15.47 7.86 0.95
CA ARG D 83 16.12 7.87 2.25
C ARG D 83 17.14 6.74 2.45
N LEU D 84 17.19 5.81 1.50
CA LEU D 84 18.16 4.72 1.57
C LEU D 84 19.33 5.01 0.61
N ASN D 85 19.22 6.11 -0.16
CA ASN D 85 20.26 6.53 -1.11
C ASN D 85 21.63 6.71 -0.44
N GLU D 86 22.66 6.93 -1.25
CA GLU D 86 24.03 7.15 -0.76
C GLU D 86 24.12 8.59 -0.27
N ARG D 87 25.20 8.92 0.43
CA ARG D 87 25.41 10.28 0.87
C ARG D 87 25.71 11.12 -0.35
N HIS D 88 24.90 12.15 -0.56
CA HIS D 88 25.06 13.06 -1.68
C HIS D 88 26.44 13.72 -1.53
N TYR D 89 27.23 13.70 -2.59
CA TYR D 89 28.57 14.28 -2.53
C TYR D 89 28.68 15.76 -2.88
N GLY D 90 27.55 16.42 -2.99
CA GLY D 90 27.52 17.84 -3.30
C GLY D 90 28.26 18.22 -4.56
N ASP D 91 29.01 19.31 -4.47
CA ASP D 91 29.78 19.85 -5.58
C ASP D 91 30.78 18.83 -6.15
N LEU D 92 31.20 17.91 -5.28
CA LEU D 92 32.15 16.86 -5.60
C LEU D 92 31.62 15.69 -6.44
N GLN D 93 30.36 15.72 -6.84
CA GLN D 93 29.81 14.63 -7.64
C GLN D 93 30.30 14.71 -9.08
N GLY D 94 31.00 13.66 -9.52
CA GLY D 94 31.56 13.61 -10.87
C GLY D 94 32.85 14.40 -11.03
N LYS D 95 33.71 14.32 -10.02
CA LYS D 95 34.98 15.02 -9.99
C LYS D 95 36.08 14.02 -9.65
N ASP D 96 37.18 14.05 -10.40
CA ASP D 96 38.30 13.13 -10.16
C ASP D 96 38.77 13.22 -8.72
N LYS D 97 38.87 12.07 -8.05
CA LYS D 97 39.28 12.02 -6.66
C LYS D 97 40.73 12.45 -6.50
N ALA D 98 41.62 11.90 -7.32
CA ALA D 98 43.03 12.24 -7.26
C ALA D 98 43.25 13.73 -7.50
N GLU D 99 42.43 14.32 -8.38
CA GLU D 99 42.53 15.75 -8.67
C GLU D 99 41.97 16.56 -7.52
N THR D 100 40.93 16.03 -6.89
CA THR D 100 40.32 16.70 -5.75
C THR D 100 41.37 16.83 -4.66
N LEU D 101 42.02 15.70 -4.35
CA LEU D 101 43.07 15.63 -3.34
C LEU D 101 44.16 16.69 -3.53
N LYS D 102 44.60 16.86 -4.77
CA LYS D 102 45.64 17.85 -5.06
C LYS D 102 45.13 19.26 -4.79
N LYS D 103 43.98 19.59 -5.38
CA LYS D 103 43.35 20.90 -5.24
C LYS D 103 42.93 21.28 -3.80
N PHE D 104 42.58 20.29 -2.99
CA PHE D 104 42.15 20.54 -1.62
C PHE D 104 43.17 20.21 -0.52
N GLY D 105 44.21 19.46 -0.87
CA GLY D 105 45.20 19.10 0.12
C GLY D 105 44.66 18.00 1.02
N GLU D 106 45.54 17.15 1.54
CA GLU D 106 45.15 16.01 2.37
C GLU D 106 44.24 16.20 3.59
N GLU D 107 44.27 17.36 4.25
CA GLU D 107 43.39 17.53 5.40
C GLU D 107 41.94 17.71 4.98
N LYS D 108 41.67 18.77 4.23
CA LYS D 108 40.31 19.05 3.74
C LYS D 108 39.73 17.84 3.01
N PHE D 109 40.55 17.18 2.19
CA PHE D 109 40.13 16.00 1.45
C PHE D 109 39.59 14.93 2.40
N ASN D 110 40.36 14.60 3.44
CA ASN D 110 39.96 13.59 4.40
C ASN D 110 38.69 13.95 5.17
N THR D 111 38.50 15.24 5.46
CA THR D 111 37.32 15.74 6.17
C THR D 111 36.11 15.36 5.34
N TYR D 112 35.97 15.99 4.18
CA TYR D 112 34.87 15.74 3.26
C TYR D 112 34.51 14.27 3.04
N ARG D 113 35.48 13.39 3.30
CA ARG D 113 35.30 11.96 3.11
C ARG D 113 35.04 11.10 4.35
N ARG D 114 35.92 11.17 5.35
CA ARG D 114 35.74 10.36 6.55
C ARG D 114 35.26 11.15 7.75
N SER D 115 34.78 12.36 7.51
CA SER D 115 34.27 13.23 8.57
C SER D 115 32.81 12.86 8.81
N PHE D 116 32.42 12.90 10.07
CA PHE D 116 31.05 12.57 10.42
C PHE D 116 30.03 13.62 9.98
N ASP D 117 30.28 14.90 10.32
CA ASP D 117 29.36 16.01 10.02
C ASP D 117 29.73 17.14 9.07
N VAL D 118 30.84 17.02 8.35
CA VAL D 118 31.24 18.09 7.42
C VAL D 118 30.90 17.68 6.02
N PRO D 119 29.91 18.36 5.43
CA PRO D 119 29.43 18.11 4.08
C PRO D 119 30.23 18.87 3.05
N PRO D 120 30.34 18.30 1.84
CA PRO D 120 31.07 18.94 0.75
C PRO D 120 30.32 20.22 0.41
N PRO D 121 30.94 21.14 -0.34
CA PRO D 121 30.14 22.34 -0.63
C PRO D 121 28.92 21.88 -1.46
N PRO D 122 27.80 22.62 -1.41
CA PRO D 122 26.65 22.18 -2.21
C PRO D 122 26.93 22.31 -3.71
N ILE D 123 26.21 21.52 -4.50
CA ILE D 123 26.35 21.53 -5.95
C ILE D 123 25.41 22.57 -6.57
N ASP D 124 25.80 23.13 -7.71
CA ASP D 124 24.96 24.11 -8.39
C ASP D 124 23.71 23.42 -8.96
N ALA D 125 22.55 24.05 -8.75
CA ALA D 125 21.27 23.51 -9.19
C ALA D 125 21.18 23.29 -10.70
N SER D 126 22.11 23.87 -11.46
CA SER D 126 22.09 23.72 -12.91
C SER D 126 23.18 22.76 -13.41
N SER D 127 24.09 22.38 -12.52
CA SER D 127 25.18 21.46 -12.87
C SER D 127 24.69 20.19 -13.58
N PRO D 128 25.54 19.62 -14.45
CA PRO D 128 25.17 18.39 -15.18
C PRO D 128 25.05 17.21 -14.20
N PHE D 129 25.58 17.40 -12.99
CA PHE D 129 25.56 16.35 -11.97
C PHE D 129 24.62 16.65 -10.80
N SER D 130 23.59 17.44 -11.10
CA SER D 130 22.56 17.82 -10.13
C SER D 130 21.32 16.99 -10.43
N GLN D 131 20.78 16.32 -9.42
CA GLN D 131 19.56 15.51 -9.59
C GLN D 131 18.33 16.29 -9.10
N LYS D 132 18.50 17.60 -9.05
CA LYS D 132 17.46 18.51 -8.62
C LYS D 132 16.38 18.42 -9.69
N GLY D 133 15.17 18.05 -9.28
CA GLY D 133 14.08 17.93 -10.23
C GLY D 133 14.17 16.69 -11.11
N ASP D 134 14.77 15.64 -10.54
CA ASP D 134 14.94 14.35 -11.21
C ASP D 134 13.63 13.58 -11.07
N GLU D 135 13.11 13.13 -12.20
CA GLU D 135 11.86 12.39 -12.24
C GLU D 135 11.58 11.40 -11.11
N ARG D 136 12.61 10.71 -10.64
CA ARG D 136 12.42 9.69 -9.62
C ARG D 136 12.12 10.19 -8.23
N TYR D 137 12.20 11.51 -8.06
CA TYR D 137 11.95 12.14 -6.78
C TYR D 137 10.83 13.17 -6.85
N LYS D 138 9.99 13.12 -7.89
CA LYS D 138 8.92 14.11 -8.04
C LYS D 138 7.71 14.09 -7.08
N TYR D 139 7.57 13.04 -6.27
CA TYR D 139 6.46 12.96 -5.30
C TYR D 139 6.94 13.18 -3.86
N VAL D 140 8.09 13.83 -3.74
CA VAL D 140 8.70 14.12 -2.45
C VAL D 140 8.81 15.63 -2.27
N ASP D 141 8.83 16.09 -1.03
CA ASP D 141 8.94 17.50 -0.77
C ASP D 141 10.27 17.99 -1.39
N PRO D 142 10.20 18.89 -2.38
CA PRO D 142 11.37 19.46 -3.07
C PRO D 142 12.36 20.10 -2.10
N ASN D 143 11.83 20.63 -1.00
CA ASN D 143 12.59 21.30 0.03
C ASN D 143 13.37 20.35 0.95
N VAL D 144 13.07 19.04 0.90
CA VAL D 144 13.80 18.10 1.76
C VAL D 144 14.98 17.44 1.04
N LEU D 145 14.90 17.42 -0.29
CA LEU D 145 15.95 16.86 -1.15
C LEU D 145 17.27 17.64 -0.97
N PRO D 146 18.35 16.97 -0.52
CA PRO D 146 19.66 17.59 -0.29
C PRO D 146 20.50 17.93 -1.53
N GLU D 147 21.29 19.00 -1.43
CA GLU D 147 22.19 19.41 -2.50
C GLU D 147 23.65 19.16 -2.08
N THR D 148 23.79 18.51 -0.92
CA THR D 148 25.07 18.08 -0.35
C THR D 148 24.80 17.39 1.01
N GLU D 149 25.67 16.47 1.42
CA GLU D 149 25.44 15.78 2.69
C GLU D 149 26.65 15.29 3.45
N SER D 150 26.39 14.92 4.69
CA SER D 150 27.39 14.38 5.60
C SER D 150 26.75 13.13 6.19
N LEU D 151 27.56 12.22 6.71
CA LEU D 151 27.04 10.99 7.31
C LEU D 151 25.95 11.33 8.32
N ALA D 152 26.16 12.38 9.12
CA ALA D 152 25.19 12.80 10.12
C ALA D 152 23.84 13.17 9.50
N LEU D 153 23.90 13.89 8.38
CA LEU D 153 22.70 14.30 7.65
C LEU D 153 22.02 13.14 6.98
N VAL D 154 22.79 12.11 6.63
CA VAL D 154 22.24 10.90 5.99
C VAL D 154 21.38 10.14 7.00
N ILE D 155 21.94 9.96 8.19
CA ILE D 155 21.27 9.28 9.29
C ILE D 155 19.94 9.96 9.61
N ASP D 156 19.93 11.30 9.58
CA ASP D 156 18.73 12.05 9.90
C ASP D 156 17.53 11.77 9.02
N ARG D 157 17.76 11.63 7.73
CA ARG D 157 16.70 11.34 6.76
C ARG D 157 16.41 9.84 6.64
N LEU D 158 17.36 9.00 7.04
CA LEU D 158 17.19 7.55 6.94
C LEU D 158 16.33 7.00 8.05
N LEU D 159 16.59 7.43 9.28
CA LEU D 159 15.85 6.96 10.43
C LEU D 159 14.32 6.93 10.32
N PRO D 160 13.67 8.04 9.88
CA PRO D 160 12.20 8.08 9.76
C PRO D 160 11.60 6.93 8.92
N TYR D 161 12.30 6.52 7.88
CA TYR D 161 11.87 5.43 7.02
C TYR D 161 12.02 4.12 7.77
N TRP D 162 13.19 3.95 8.37
CA TRP D 162 13.55 2.78 9.14
C TRP D 162 12.54 2.56 10.26
N GLN D 163 12.32 3.61 11.07
CA GLN D 163 11.41 3.60 12.22
C GLN D 163 9.97 3.24 11.92
N ASP D 164 9.46 3.83 10.84
CA ASP D 164 8.09 3.65 10.40
C ASP D 164 7.88 2.45 9.51
N VAL D 165 8.50 2.52 8.33
CA VAL D 165 8.37 1.51 7.29
C VAL D 165 9.10 0.18 7.47
N ILE D 166 10.42 0.22 7.61
CA ILE D 166 11.17 -1.01 7.76
C ILE D 166 10.83 -1.70 9.08
N ALA D 167 10.78 -0.93 10.16
CA ALA D 167 10.47 -1.50 11.47
C ALA D 167 9.19 -2.32 11.44
N LYS D 168 8.23 -1.87 10.63
CA LYS D 168 6.94 -2.55 10.49
C LYS D 168 7.15 -4.01 10.13
N ASP D 169 7.90 -4.28 9.08
CA ASP D 169 8.14 -5.66 8.66
C ASP D 169 8.96 -6.46 9.67
N LEU D 170 9.95 -5.82 10.28
CA LEU D 170 10.79 -6.48 11.28
C LEU D 170 9.89 -6.93 12.41
N LEU D 171 9.11 -5.97 12.93
CA LEU D 171 8.18 -6.20 14.02
C LEU D 171 7.03 -7.15 13.65
N SER D 172 6.98 -7.54 12.37
CA SER D 172 5.96 -8.46 11.88
C SER D 172 6.59 -9.83 11.64
N GLY D 173 7.77 -10.06 12.23
CA GLY D 173 8.45 -11.34 12.10
C GLY D 173 8.99 -11.63 10.71
N LYS D 174 9.16 -10.59 9.90
CA LYS D 174 9.67 -10.74 8.55
C LYS D 174 11.16 -10.46 8.47
N THR D 175 11.87 -11.31 7.76
CA THR D 175 13.31 -11.17 7.56
C THR D 175 13.47 -10.12 6.48
N VAL D 176 13.99 -8.96 6.87
CA VAL D 176 14.15 -7.85 5.96
C VAL D 176 15.53 -7.76 5.33
N MET D 177 15.57 -7.55 4.02
CA MET D 177 16.82 -7.39 3.31
C MET D 177 16.94 -6.00 2.73
N ILE D 178 18.02 -5.32 3.09
CA ILE D 178 18.28 -3.99 2.59
C ILE D 178 19.51 -4.02 1.67
N ALA D 179 19.32 -3.58 0.44
CA ALA D 179 20.40 -3.48 -0.53
C ALA D 179 20.60 -1.97 -0.57
N ALA D 180 21.63 -1.49 0.10
CA ALA D 180 21.90 -0.06 0.17
C ALA D 180 23.26 0.41 -0.35
N HIS D 181 23.79 1.45 0.29
CA HIS D 181 25.06 2.08 -0.06
C HIS D 181 25.96 2.21 1.16
N GLY D 182 27.21 2.60 0.92
CA GLY D 182 28.21 2.76 1.97
C GLY D 182 27.89 3.65 3.16
N ASN D 183 27.53 4.90 2.88
CA ASN D 183 27.19 5.83 3.94
C ASN D 183 25.89 5.46 4.66
N SER D 184 24.83 5.26 3.90
CA SER D 184 23.52 4.89 4.46
C SER D 184 23.54 3.60 5.27
N LEU D 185 24.42 2.67 4.91
CA LEU D 185 24.52 1.41 5.66
C LEU D 185 25.32 1.57 6.94
N ARG D 186 26.40 2.35 6.91
CA ARG D 186 27.19 2.56 8.14
C ARG D 186 26.35 3.41 9.07
N GLY D 187 25.47 4.21 8.47
CA GLY D 187 24.57 5.05 9.21
C GLY D 187 23.65 4.13 9.98
N LEU D 188 22.99 3.20 9.28
CA LEU D 188 22.10 2.26 9.94
C LEU D 188 22.85 1.51 11.06
N VAL D 189 24.07 1.06 10.78
CA VAL D 189 24.90 0.31 11.73
C VAL D 189 25.35 1.13 12.95
N LYS D 190 25.59 2.43 12.76
CA LYS D 190 26.02 3.29 13.84
C LYS D 190 24.88 3.36 14.85
N HIS D 191 23.66 3.59 14.34
CA HIS D 191 22.45 3.66 15.14
C HIS D 191 22.27 2.34 15.93
N LEU D 192 22.17 1.24 15.20
CA LEU D 192 21.97 -0.09 15.76
C LEU D 192 22.95 -0.51 16.87
N GLU D 193 24.24 -0.34 16.61
CA GLU D 193 25.28 -0.72 17.57
C GLU D 193 25.68 0.38 18.54
N GLY D 194 24.99 1.52 18.47
CA GLY D 194 25.28 2.62 19.36
C GLY D 194 26.69 3.19 19.24
N ILE D 195 27.27 3.11 18.06
CA ILE D 195 28.61 3.65 17.82
C ILE D 195 28.54 5.19 17.90
N SER D 196 29.45 5.80 18.65
CA SER D 196 29.47 7.26 18.80
C SER D 196 29.84 7.96 17.50
N ASP D 197 29.78 9.28 17.52
CA ASP D 197 30.11 10.09 16.35
C ASP D 197 31.59 9.95 15.93
N ALA D 198 32.48 9.95 16.92
CA ALA D 198 33.91 9.83 16.65
C ALA D 198 34.36 8.49 16.07
N ASP D 199 33.85 7.39 16.63
CA ASP D 199 34.23 6.04 16.22
C ASP D 199 33.71 5.50 14.89
N ILE D 200 32.65 6.10 14.36
CA ILE D 200 32.03 5.64 13.12
C ILE D 200 32.93 5.70 11.89
N ALA D 201 33.90 6.62 11.89
CA ALA D 201 34.84 6.77 10.79
C ALA D 201 35.68 5.51 10.60
N LYS D 202 35.81 4.75 11.68
CA LYS D 202 36.57 3.52 11.68
C LYS D 202 35.85 2.30 11.09
N LEU D 203 34.52 2.39 10.96
CA LEU D 203 33.74 1.28 10.43
C LEU D 203 33.75 1.16 8.90
N ASN D 204 34.02 -0.05 8.44
CA ASN D 204 34.01 -0.33 7.01
C ASN D 204 33.14 -1.54 6.80
N ILE D 205 32.25 -1.43 5.82
CA ILE D 205 31.35 -2.51 5.47
C ILE D 205 31.79 -2.90 4.06
N PRO D 206 32.36 -4.10 3.91
CA PRO D 206 32.82 -4.53 2.59
C PRO D 206 31.68 -4.73 1.60
N THR D 207 32.02 -4.91 0.34
CA THR D 207 31.00 -5.11 -0.69
C THR D 207 30.69 -6.58 -1.02
N GLY D 208 29.55 -6.79 -1.67
CA GLY D 208 29.12 -8.12 -2.07
C GLY D 208 29.09 -9.18 -0.99
N ILE D 209 28.93 -8.76 0.26
CA ILE D 209 28.87 -9.69 1.39
C ILE D 209 27.76 -9.22 2.31
N PRO D 210 26.77 -10.08 2.56
CA PRO D 210 25.63 -9.78 3.43
C PRO D 210 26.01 -9.70 4.89
N LEU D 211 25.52 -8.66 5.57
CA LEU D 211 25.77 -8.49 6.99
C LEU D 211 24.43 -8.82 7.64
N VAL D 212 24.42 -9.77 8.59
CA VAL D 212 23.18 -10.17 9.26
C VAL D 212 23.06 -9.76 10.74
N PHE D 213 21.94 -9.10 11.05
CA PHE D 213 21.62 -8.64 12.40
C PHE D 213 20.40 -9.39 12.92
N GLU D 214 20.50 -9.92 14.13
CA GLU D 214 19.38 -10.60 14.78
C GLU D 214 18.99 -9.64 15.90
N LEU D 215 17.78 -9.07 15.78
CA LEU D 215 17.27 -8.08 16.74
C LEU D 215 16.17 -8.56 17.70
N ASP D 216 16.07 -7.93 18.87
CA ASP D 216 15.03 -8.27 19.85
C ASP D 216 13.75 -7.48 19.58
N GLU D 217 12.76 -7.61 20.46
CA GLU D 217 11.49 -6.89 20.31
C GLU D 217 11.65 -5.36 20.26
N ASN D 218 12.80 -4.87 20.72
CA ASN D 218 13.13 -3.45 20.72
C ASN D 218 14.06 -3.07 19.58
N LEU D 219 14.30 -4.00 18.66
CA LEU D 219 15.16 -3.77 17.50
C LEU D 219 16.64 -3.57 17.83
N LYS D 220 17.05 -4.01 19.03
CA LYS D 220 18.45 -3.92 19.48
C LYS D 220 19.07 -5.32 19.37
N PRO D 221 20.29 -5.44 18.82
CA PRO D 221 20.98 -6.73 18.66
C PRO D 221 20.81 -7.71 19.83
N SER D 222 20.42 -8.95 19.50
CA SER D 222 20.26 -10.02 20.50
C SER D 222 21.62 -10.69 20.69
N LYS D 223 22.49 -10.44 19.73
CA LYS D 223 23.84 -10.96 19.68
C LYS D 223 24.58 -10.14 18.60
N PRO D 224 25.92 -10.22 18.57
CA PRO D 224 26.68 -9.45 17.58
C PRO D 224 26.46 -9.86 16.12
N SER D 225 26.43 -8.85 15.25
CA SER D 225 26.23 -9.01 13.81
C SER D 225 27.27 -9.97 13.24
N TYR D 226 26.98 -10.48 12.05
CA TYR D 226 27.88 -11.43 11.41
C TYR D 226 27.69 -11.50 9.91
N TYR D 227 28.81 -11.59 9.19
CA TYR D 227 28.79 -11.70 7.74
C TYR D 227 28.70 -13.18 7.40
N LEU D 228 28.22 -13.46 6.20
CA LEU D 228 28.09 -14.85 5.75
C LEU D 228 29.41 -15.44 5.27
N ASP D 229 30.43 -14.58 5.19
CA ASP D 229 31.76 -14.99 4.79
C ASP D 229 32.77 -14.20 5.62
N PRO D 230 32.95 -14.59 6.89
CA PRO D 230 33.88 -13.91 7.81
C PRO D 230 35.29 -13.76 7.22
N GLU D 231 35.81 -14.80 6.57
CA GLU D 231 37.14 -14.77 5.98
C GLU D 231 37.31 -13.58 5.03
N ALA D 232 36.51 -13.57 3.96
CA ALA D 232 36.53 -12.53 2.94
C ALA D 232 36.36 -11.10 3.46
N ALA D 233 35.65 -10.96 4.58
CA ALA D 233 35.38 -9.67 5.20
C ALA D 233 36.53 -9.13 6.04
N ALA D 234 37.24 -10.02 6.74
CA ALA D 234 38.36 -9.63 7.58
C ALA D 234 39.63 -9.33 6.79
N ALA D 235 39.62 -9.68 5.51
CA ALA D 235 40.76 -9.46 4.63
C ALA D 235 40.87 -8.03 4.08
#